data_5ZVG
#
_entry.id   5ZVG
#
_cell.length_a   52.112
_cell.length_b   52.983
_cell.length_c   83.801
_cell.angle_alpha   80.800
_cell.angle_beta   80.750
_cell.angle_gamma   67.840
#
_symmetry.space_group_name_H-M   'P 1'
#
loop_
_entity.id
_entity.type
_entity.pdbx_description
1 polymer '389aa long hypothetical nucleolar protein'
2 non-polymer S-ADENOSYLMETHIONINE
3 water water
#
_entity_poly.entity_id   1
_entity_poly.type   'polypeptide(L)'
_entity_poly.pdbx_seq_one_letter_code
;YLEAFPKELREYYKNLFGKEEANKIMKKLREPVEHYYIRVNTLKISREKLIGELKKEGLKPLRSPYLPEGLYFVREGPNF
SDDFEPKLPVVVANKYAAESVYQGAMLYAPGVLKADKNIKEGDEVQIRDPKGLLVGIGIARMDYKEMTEATRGLAVEVTL
PKFKLPSLSELKAFEKGYFYPQGLPSMVTARVLEPKEDDVIIDMAAAPGGKTTHIAQLLENKGEIIAIDKSKNRLRKMEE
NIKRLGVKNVKLVQMDARKLPDLGIKADKILLDAPCTALGVRPKLWEERTLKHIEATARYQRAFIWAAIKSLRRGGVLVY
STCTLSYEENEGNVKFMIRKGMKLEEQSIFIGSPGIGMNKVQRFYPHKHLTQGFFIAKLRKVKD
;
_entity_poly.pdbx_strand_id   B,A
#
# COMPACT_ATOMS: atom_id res chain seq x y z
N TYR A 1 -31.01 31.59 -7.73
CA TYR A 1 -29.89 30.72 -8.05
C TYR A 1 -29.83 30.31 -9.52
N LEU A 2 -30.97 30.31 -10.19
CA LEU A 2 -31.06 29.88 -11.59
C LEU A 2 -30.13 30.66 -12.52
N GLU A 3 -29.81 31.88 -12.11
CA GLU A 3 -28.96 32.76 -12.90
C GLU A 3 -27.55 32.20 -13.12
N ALA A 4 -27.12 31.33 -12.20
CA ALA A 4 -25.80 30.71 -12.27
C ALA A 4 -25.65 29.76 -13.45
N PHE A 5 -26.78 29.42 -14.05
CA PHE A 5 -26.81 28.42 -15.11
C PHE A 5 -27.36 29.05 -16.39
N PRO A 6 -26.63 28.90 -17.49
CA PRO A 6 -27.09 29.46 -18.77
C PRO A 6 -28.47 28.93 -19.16
N LYS A 7 -29.23 29.72 -19.91
CA LYS A 7 -30.64 29.42 -20.15
C LYS A 7 -30.83 28.09 -20.88
N GLU A 8 -29.98 27.82 -21.86
CA GLU A 8 -30.12 26.59 -22.64
C GLU A 8 -29.77 25.34 -21.83
N LEU A 9 -28.84 25.48 -20.88
CA LEU A 9 -28.53 24.37 -19.98
C LEU A 9 -29.68 24.13 -19.00
N ARG A 10 -30.33 25.22 -18.58
CA ARG A 10 -31.48 25.12 -17.69
C ARG A 10 -32.62 24.37 -18.37
N GLU A 11 -32.87 24.69 -19.63
CA GLU A 11 -33.87 23.98 -20.42
C GLU A 11 -33.50 22.50 -20.57
N TYR A 12 -32.21 22.25 -20.80
CA TYR A 12 -31.68 20.91 -20.90
C TYR A 12 -31.97 20.10 -19.64
N TYR A 13 -31.66 20.68 -18.48
CA TYR A 13 -31.91 20.02 -17.20
C TYR A 13 -33.39 19.70 -17.01
N LYS A 14 -34.25 20.70 -17.22
CA LYS A 14 -35.68 20.53 -17.10
C LYS A 14 -36.18 19.39 -17.99
N ASN A 15 -35.69 19.36 -19.23
CA ASN A 15 -36.05 18.31 -20.17
C ASN A 15 -35.61 16.93 -19.68
N LEU A 16 -34.42 16.88 -19.09
CA LEU A 16 -33.81 15.61 -18.75
C LEU A 16 -34.24 15.07 -17.39
N PHE A 17 -34.57 15.96 -16.47
CA PHE A 17 -34.88 15.56 -15.09
C PHE A 17 -36.31 15.89 -14.70
N GLY A 18 -36.91 16.80 -15.45
CA GLY A 18 -38.20 17.35 -15.07
C GLY A 18 -37.97 18.65 -14.32
N LYS A 19 -38.89 19.60 -14.46
CA LYS A 19 -38.73 20.95 -13.91
C LYS A 19 -38.33 20.96 -12.44
N GLU A 20 -39.09 20.22 -11.65
CA GLU A 20 -38.96 20.25 -10.21
C GLU A 20 -37.61 19.72 -9.75
N GLU A 21 -37.24 18.54 -10.22
CA GLU A 21 -35.94 17.98 -9.87
C GLU A 21 -34.79 18.85 -10.39
N ALA A 22 -34.94 19.39 -11.59
CA ALA A 22 -33.95 20.29 -12.17
C ALA A 22 -33.71 21.51 -11.29
N ASN A 23 -34.78 22.06 -10.74
CA ASN A 23 -34.67 23.25 -9.89
C ASN A 23 -34.01 22.89 -8.57
N LYS A 24 -34.31 21.70 -8.07
CA LYS A 24 -33.71 21.22 -6.84
C LYS A 24 -32.22 20.93 -7.04
N ILE A 25 -31.87 20.42 -8.21
CA ILE A 25 -30.48 20.08 -8.49
C ILE A 25 -29.61 21.34 -8.62
N MET A 26 -30.09 22.30 -9.39
CA MET A 26 -29.37 23.55 -9.60
C MET A 26 -29.22 24.35 -8.31
N LYS A 27 -30.29 24.38 -7.50
CA LYS A 27 -30.26 25.09 -6.22
C LYS A 27 -29.16 24.53 -5.32
N LYS A 28 -29.08 23.21 -5.24
CA LYS A 28 -28.10 22.54 -4.39
C LYS A 28 -26.70 22.62 -5.00
N LEU A 29 -26.61 22.57 -6.32
CA LEU A 29 -25.32 22.70 -7.01
C LEU A 29 -24.61 24.01 -6.67
N ARG A 30 -25.37 25.03 -6.34
CA ARG A 30 -24.79 26.34 -6.04
C ARG A 30 -24.14 26.35 -4.66
N GLU A 31 -24.41 25.32 -3.87
CA GLU A 31 -23.89 25.25 -2.51
C GLU A 31 -22.79 24.18 -2.39
N PRO A 32 -21.89 24.33 -1.40
CA PRO A 32 -20.92 23.28 -1.13
C PRO A 32 -21.61 22.01 -0.64
N VAL A 33 -20.93 20.88 -0.74
CA VAL A 33 -21.50 19.62 -0.26
C VAL A 33 -21.83 19.73 1.22
N GLU A 34 -22.95 19.12 1.59
CA GLU A 34 -23.41 19.17 2.98
C GLU A 34 -22.55 18.27 3.84
N HIS A 35 -22.05 17.20 3.21
CA HIS A 35 -21.17 16.25 3.89
C HIS A 35 -19.81 16.23 3.19
N TYR A 36 -18.80 16.77 3.86
CA TYR A 36 -17.48 16.91 3.28
C TYR A 36 -16.65 15.68 3.61
N TYR A 37 -16.39 14.84 2.61
CA TYR A 37 -15.76 13.53 2.85
C TYR A 37 -14.24 13.55 2.69
N ILE A 38 -13.57 12.72 3.48
CA ILE A 38 -12.14 12.46 3.30
C ILE A 38 -11.92 10.95 3.35
N ARG A 39 -10.86 10.49 2.70
CA ARG A 39 -10.54 9.07 2.74
C ARG A 39 -9.46 8.79 3.76
N VAL A 40 -9.76 7.87 4.68
CA VAL A 40 -8.74 7.38 5.59
C VAL A 40 -7.68 6.60 4.81
N ASN A 41 -6.44 7.04 4.90
CA ASN A 41 -5.34 6.33 4.26
C ASN A 41 -4.94 5.12 5.11
N THR A 42 -5.62 4.00 4.89
CA THR A 42 -5.39 2.79 5.67
C THR A 42 -3.99 2.20 5.49
N LEU A 43 -3.19 2.78 4.59
CA LEU A 43 -1.80 2.39 4.45
C LEU A 43 -0.96 2.88 5.63
N LYS A 44 -1.41 3.97 6.26
CA LYS A 44 -0.64 4.61 7.33
C LYS A 44 -1.35 4.64 8.69
N ILE A 45 -2.67 4.49 8.69
CA ILE A 45 -3.45 4.67 9.91
C ILE A 45 -4.83 4.03 9.78
N SER A 46 -5.44 3.68 10.91
CA SER A 46 -6.81 3.17 10.89
C SER A 46 -7.79 4.34 10.95
N ARG A 47 -9.06 4.05 10.71
CA ARG A 47 -10.10 5.06 10.80
C ARG A 47 -10.23 5.66 12.20
N GLU A 48 -10.34 4.78 13.20
CA GLU A 48 -10.57 5.22 14.57
C GLU A 48 -9.38 5.99 15.15
N LYS A 49 -8.16 5.57 14.81
CA LYS A 49 -6.97 6.30 15.26
C LYS A 49 -6.97 7.71 14.69
N LEU A 50 -7.27 7.83 13.40
CA LEU A 50 -7.32 9.14 12.73
C LEU A 50 -8.39 10.03 13.35
N ILE A 51 -9.57 9.46 13.60
CA ILE A 51 -10.61 10.16 14.34
C ILE A 51 -10.05 10.76 15.62
N GLY A 52 -9.35 9.93 16.39
CA GLY A 52 -8.68 10.38 17.60
C GLY A 52 -7.80 11.60 17.37
N GLU A 53 -7.05 11.58 16.25
CA GLU A 53 -6.13 12.66 15.89
C GLU A 53 -6.87 13.93 15.48
N LEU A 54 -8.00 13.77 14.80
CA LEU A 54 -8.78 14.89 14.30
C LEU A 54 -9.57 15.56 15.43
N LYS A 55 -9.98 14.76 16.41
CA LYS A 55 -10.70 15.30 17.56
C LYS A 55 -9.76 16.17 18.39
N LYS A 56 -8.50 15.78 18.44
CA LYS A 56 -7.46 16.59 19.07
C LYS A 56 -7.40 18.01 18.49
N GLU A 57 -7.61 18.13 17.19
CA GLU A 57 -7.55 19.43 16.52
C GLU A 57 -8.88 20.16 16.58
N GLY A 58 -9.84 19.62 17.33
CA GLY A 58 -11.14 20.26 17.49
C GLY A 58 -12.11 20.00 16.36
N LEU A 59 -11.82 18.99 15.54
CA LEU A 59 -12.71 18.65 14.44
C LEU A 59 -13.72 17.59 14.88
N LYS A 60 -14.85 17.54 14.17
CA LYS A 60 -15.93 16.61 14.49
C LYS A 60 -16.22 15.65 13.34
N PRO A 61 -15.29 14.71 13.09
CA PRO A 61 -15.47 13.73 12.02
C PRO A 61 -16.57 12.72 12.33
N LEU A 62 -17.31 12.32 11.31
CA LEU A 62 -18.33 11.29 11.45
C LEU A 62 -17.98 10.12 10.54
N ARG A 63 -18.38 8.93 10.98
CA ARG A 63 -18.05 7.70 10.26
C ARG A 63 -19.09 7.37 9.20
N SER A 64 -18.64 6.81 8.09
CA SER A 64 -19.58 6.30 7.10
C SER A 64 -19.89 4.82 7.39
N PRO A 65 -21.17 4.47 7.41
CA PRO A 65 -21.55 3.06 7.65
C PRO A 65 -21.42 2.22 6.38
N TYR A 66 -21.06 2.84 5.27
CA TYR A 66 -20.90 2.14 4.00
C TYR A 66 -19.45 1.99 3.58
N LEU A 67 -18.65 3.02 3.86
CA LEU A 67 -17.23 2.99 3.54
C LEU A 67 -16.39 3.05 4.80
N PRO A 68 -15.84 1.90 5.22
CA PRO A 68 -14.98 1.85 6.40
C PRO A 68 -13.78 2.80 6.33
N GLU A 69 -13.44 3.27 5.13
CA GLU A 69 -12.37 4.25 4.99
C GLU A 69 -12.94 5.66 4.86
N GLY A 70 -14.24 5.79 5.07
CA GLY A 70 -14.89 7.09 4.92
C GLY A 70 -15.14 7.86 6.21
N LEU A 71 -14.71 9.12 6.22
CA LEU A 71 -15.09 10.06 7.26
C LEU A 71 -15.63 11.31 6.60
N TYR A 72 -16.57 11.99 7.26
CA TYR A 72 -17.10 13.22 6.68
C TYR A 72 -17.35 14.27 7.76
N PHE A 73 -17.34 15.54 7.34
CA PHE A 73 -17.62 16.64 8.24
C PHE A 73 -18.93 17.31 7.78
N VAL A 74 -19.75 17.71 8.75
CA VAL A 74 -20.99 18.38 8.42
C VAL A 74 -20.73 19.85 8.12
N ARG A 75 -21.26 20.31 6.99
CA ARG A 75 -21.08 21.68 6.53
C ARG A 75 -21.87 22.66 7.40
N GLU A 76 -21.34 23.87 7.57
CA GLU A 76 -22.05 24.90 8.32
C GLU A 76 -22.59 25.96 7.36
N GLY A 77 -23.81 26.41 7.62
CA GLY A 77 -24.40 27.46 6.80
C GLY A 77 -25.72 27.06 6.14
N PRO A 78 -26.33 28.00 5.40
CA PRO A 78 -25.80 29.33 5.09
C PRO A 78 -25.85 30.28 6.28
N ASN A 79 -24.81 31.10 6.42
CA ASN A 79 -24.68 32.00 7.56
C ASN A 79 -25.39 33.33 7.37
N PHE A 80 -25.88 33.56 6.16
CA PHE A 80 -26.76 34.70 5.92
C PHE A 80 -27.69 34.42 4.75
N SER A 81 -28.77 35.19 4.67
CA SER A 81 -29.79 35.01 3.66
C SER A 81 -29.22 35.32 2.27
N ASP A 82 -29.89 34.82 1.23
CA ASP A 82 -29.44 35.01 -0.14
C ASP A 82 -29.62 36.45 -0.59
N ASP A 83 -30.51 37.18 0.08
CA ASP A 83 -30.80 38.56 -0.27
C ASP A 83 -30.16 39.57 0.67
N PHE A 84 -29.42 39.09 1.66
CA PHE A 84 -28.78 39.95 2.65
C PHE A 84 -27.93 41.05 2.03
N GLU A 85 -28.20 42.30 2.43
CA GLU A 85 -27.47 43.44 1.89
C GLU A 85 -26.73 44.18 3.00
N PRO A 86 -25.53 43.68 3.34
CA PRO A 86 -24.77 44.29 4.43
C PRO A 86 -24.38 45.73 4.10
N LYS A 87 -24.46 46.61 5.09
CA LYS A 87 -24.09 47.99 4.88
C LYS A 87 -22.60 48.13 5.14
N LEU A 88 -21.80 47.68 4.17
CA LEU A 88 -20.37 47.50 4.36
C LEU A 88 -19.59 47.85 3.11
N PRO A 89 -18.37 48.37 3.28
CA PRO A 89 -17.53 48.58 2.09
C PRO A 89 -17.24 47.24 1.43
N VAL A 90 -17.19 47.22 0.10
CA VAL A 90 -17.03 45.98 -0.64
C VAL A 90 -15.58 45.66 -0.99
N VAL A 91 -15.18 44.41 -0.76
CA VAL A 91 -13.99 43.86 -1.37
C VAL A 91 -14.39 42.87 -2.47
N VAL A 92 -13.84 43.07 -3.66
CA VAL A 92 -14.12 42.16 -4.75
C VAL A 92 -12.96 41.18 -4.90
N ALA A 93 -13.25 39.90 -4.67
CA ALA A 93 -12.27 38.83 -4.83
C ALA A 93 -12.35 38.27 -6.24
N ASN A 94 -11.25 37.76 -6.77
CA ASN A 94 -11.29 37.12 -8.08
C ASN A 94 -12.05 35.80 -8.00
N LYS A 95 -12.33 35.22 -9.16
CA LYS A 95 -13.18 34.05 -9.30
C LYS A 95 -12.78 32.88 -8.38
N TYR A 96 -11.48 32.65 -8.26
CA TYR A 96 -10.99 31.51 -7.49
C TYR A 96 -11.02 31.79 -6.00
N ALA A 97 -10.60 32.98 -5.60
CA ALA A 97 -10.58 33.36 -4.19
C ALA A 97 -11.99 33.38 -3.62
N ALA A 98 -12.93 33.86 -4.42
CA ALA A 98 -14.32 33.96 -3.99
C ALA A 98 -14.93 32.60 -3.65
N GLU A 99 -14.59 31.58 -4.43
CA GLU A 99 -15.13 30.25 -4.20
C GLU A 99 -14.59 29.63 -2.91
N SER A 100 -13.33 29.91 -2.59
CA SER A 100 -12.75 29.38 -1.36
C SER A 100 -13.29 30.15 -0.14
N VAL A 101 -13.40 31.47 -0.27
CA VAL A 101 -14.04 32.30 0.77
C VAL A 101 -15.48 31.83 1.02
N TYR A 102 -16.17 31.50 -0.07
CA TYR A 102 -17.52 30.96 -0.03
C TYR A 102 -17.62 29.73 0.90
N GLN A 103 -16.52 29.02 1.08
CA GLN A 103 -16.52 27.80 1.87
C GLN A 103 -15.74 27.89 3.18
N GLY A 104 -15.27 29.09 3.51
CA GLY A 104 -14.64 29.31 4.81
C GLY A 104 -13.19 29.75 4.81
N ALA A 105 -12.55 29.75 3.64
CA ALA A 105 -11.17 30.23 3.52
C ALA A 105 -11.07 31.71 3.83
N MET A 106 -9.92 32.13 4.35
CA MET A 106 -9.60 33.54 4.49
C MET A 106 -9.34 34.15 3.11
N LEU A 107 -9.39 35.48 3.00
CA LEU A 107 -9.05 36.14 1.74
C LEU A 107 -7.63 36.71 1.79
N TYR A 108 -6.79 36.23 0.89
CA TYR A 108 -5.41 36.70 0.85
C TYR A 108 -5.24 37.72 -0.26
N ALA A 109 -4.21 38.54 -0.15
CA ALA A 109 -4.02 39.69 -1.05
C ALA A 109 -4.06 39.34 -2.54
N PRO A 110 -3.32 38.30 -2.98
CA PRO A 110 -3.44 37.97 -4.41
C PRO A 110 -4.85 37.61 -4.83
N GLY A 111 -5.72 37.31 -3.87
CA GLY A 111 -7.09 36.94 -4.20
C GLY A 111 -7.99 38.15 -4.36
N VAL A 112 -7.42 39.34 -4.15
CA VAL A 112 -8.18 40.57 -4.22
C VAL A 112 -8.10 41.21 -5.61
N LEU A 113 -9.26 41.41 -6.21
CA LEU A 113 -9.35 42.03 -7.54
C LEU A 113 -9.36 43.55 -7.45
N LYS A 114 -10.26 44.08 -6.63
CA LYS A 114 -10.35 45.51 -6.36
C LYS A 114 -11.16 45.72 -5.09
N ALA A 115 -11.20 46.95 -4.58
CA ALA A 115 -11.86 47.19 -3.31
C ALA A 115 -12.32 48.62 -3.13
N ASP A 116 -13.15 48.84 -2.12
CA ASP A 116 -13.57 50.17 -1.74
C ASP A 116 -12.37 50.89 -1.11
N LYS A 117 -12.13 52.12 -1.54
CA LYS A 117 -10.92 52.86 -1.16
C LYS A 117 -10.92 53.35 0.29
N ASN A 118 -12.09 53.34 0.92
CA ASN A 118 -12.20 53.78 2.32
C ASN A 118 -11.77 52.71 3.32
N ILE A 119 -11.40 51.54 2.82
CA ILE A 119 -11.13 50.42 3.70
C ILE A 119 -9.77 50.52 4.40
N LYS A 120 -9.83 50.48 5.73
CA LYS A 120 -8.64 50.50 6.57
C LYS A 120 -8.66 49.25 7.44
N GLU A 121 -7.50 48.80 7.90
CA GLU A 121 -7.39 47.62 8.75
C GLU A 121 -8.37 47.67 9.92
N GLY A 122 -8.98 46.53 10.22
CA GLY A 122 -9.96 46.46 11.28
C GLY A 122 -11.39 46.76 10.86
N ASP A 123 -11.56 47.34 9.68
CA ASP A 123 -12.90 47.64 9.19
C ASP A 123 -13.66 46.35 8.90
N GLU A 124 -14.95 46.35 9.17
CA GLU A 124 -15.80 45.25 8.76
C GLU A 124 -16.14 45.45 7.28
N VAL A 125 -15.93 44.39 6.49
CA VAL A 125 -16.11 44.48 5.05
C VAL A 125 -16.92 43.29 4.53
N GLN A 126 -17.55 43.47 3.38
CA GLN A 126 -18.23 42.38 2.71
C GLN A 126 -17.43 41.95 1.49
N ILE A 127 -17.44 40.66 1.18
CA ILE A 127 -16.65 40.14 0.08
C ILE A 127 -17.53 39.65 -1.06
N ARG A 128 -17.32 40.20 -2.25
CA ARG A 128 -18.10 39.77 -3.41
C ARG A 128 -17.24 39.24 -4.53
N ASP A 129 -17.78 38.31 -5.31
CA ASP A 129 -17.07 37.80 -6.46
C ASP A 129 -17.17 38.82 -7.60
N PRO A 130 -16.47 38.59 -8.72
CA PRO A 130 -16.50 39.64 -9.74
C PRO A 130 -17.90 39.92 -10.33
N LYS A 131 -18.87 39.05 -10.05
CA LYS A 131 -20.23 39.24 -10.58
C LYS A 131 -21.26 39.67 -9.53
N GLY A 132 -20.77 40.11 -8.37
CA GLY A 132 -21.63 40.66 -7.34
C GLY A 132 -22.19 39.65 -6.34
N LEU A 133 -21.78 38.40 -6.48
CA LEU A 133 -22.22 37.36 -5.57
C LEU A 133 -21.59 37.59 -4.20
N LEU A 134 -22.43 37.73 -3.18
CA LEU A 134 -21.94 37.90 -1.81
C LEU A 134 -21.50 36.54 -1.29
N VAL A 135 -20.20 36.40 -1.00
CA VAL A 135 -19.66 35.10 -0.64
C VAL A 135 -19.22 35.04 0.81
N GLY A 136 -19.09 36.21 1.45
CA GLY A 136 -18.63 36.24 2.82
C GLY A 136 -18.45 37.62 3.42
N ILE A 137 -18.35 37.66 4.74
CA ILE A 137 -18.12 38.90 5.48
C ILE A 137 -16.98 38.70 6.47
N GLY A 138 -16.19 39.74 6.72
CA GLY A 138 -15.05 39.63 7.61
C GLY A 138 -14.44 40.97 7.99
N ILE A 139 -13.21 40.92 8.53
CA ILE A 139 -12.52 42.10 9.03
C ILE A 139 -11.22 42.31 8.25
N ALA A 140 -11.04 43.49 7.67
CA ALA A 140 -9.85 43.79 6.88
C ALA A 140 -8.60 43.79 7.74
N ARG A 141 -7.57 43.10 7.28
CA ARG A 141 -6.28 43.08 7.96
C ARG A 141 -5.23 43.84 7.17
N MET A 142 -5.68 44.50 6.10
CA MET A 142 -4.86 45.44 5.35
C MET A 142 -5.68 46.68 5.05
N ASP A 143 -5.00 47.81 4.88
CA ASP A 143 -5.62 49.00 4.35
C ASP A 143 -5.89 48.76 2.87
N TYR A 144 -6.74 49.59 2.26
CA TYR A 144 -7.01 49.48 0.84
C TYR A 144 -5.73 49.41 0.00
N LYS A 145 -4.78 50.31 0.28
CA LYS A 145 -3.54 50.40 -0.48
C LYS A 145 -2.73 49.11 -0.48
N GLU A 146 -2.52 48.55 0.71
CA GLU A 146 -1.74 47.31 0.82
C GLU A 146 -2.51 46.14 0.24
N MET A 147 -3.83 46.17 0.39
CA MET A 147 -4.71 45.12 -0.11
C MET A 147 -4.60 44.95 -1.63
N THR A 148 -4.57 46.07 -2.35
CA THR A 148 -4.52 46.03 -3.81
C THR A 148 -3.10 45.92 -4.38
N GLU A 149 -2.10 45.93 -3.52
CA GLU A 149 -0.71 45.89 -4.01
C GLU A 149 0.07 44.69 -3.52
N ALA A 150 -0.18 44.25 -2.28
CA ALA A 150 0.58 43.15 -1.70
C ALA A 150 0.54 41.90 -2.59
N THR A 151 1.63 41.15 -2.59
CA THR A 151 1.71 39.90 -3.33
C THR A 151 1.48 38.70 -2.43
N ARG A 152 1.48 38.92 -1.12
CA ARG A 152 1.22 37.86 -0.16
C ARG A 152 0.54 38.44 1.07
N GLY A 153 0.12 37.57 1.98
CA GLY A 153 -0.43 37.99 3.26
C GLY A 153 -1.94 37.92 3.38
N LEU A 154 -2.42 38.12 4.61
CA LEU A 154 -3.85 38.08 4.91
C LEU A 154 -4.49 39.45 4.65
N ALA A 155 -5.55 39.46 3.85
CA ALA A 155 -6.21 40.70 3.46
C ALA A 155 -7.52 40.87 4.24
N VAL A 156 -8.32 39.83 4.25
CA VAL A 156 -9.54 39.85 5.05
C VAL A 156 -9.66 38.56 5.85
N GLU A 157 -9.73 38.70 7.16
CA GLU A 157 -10.08 37.58 8.01
C GLU A 157 -11.57 37.32 7.88
N VAL A 158 -11.93 36.23 7.21
CA VAL A 158 -13.34 35.93 6.96
C VAL A 158 -13.95 35.29 8.19
N THR A 159 -14.71 36.09 8.95
CA THR A 159 -15.35 35.64 10.17
C THR A 159 -16.78 35.18 9.93
N LEU A 160 -17.33 35.54 8.78
CA LEU A 160 -18.68 35.12 8.44
C LEU A 160 -18.76 34.71 6.97
N PRO A 161 -18.23 33.53 6.65
CA PRO A 161 -18.38 33.02 5.28
C PRO A 161 -19.82 32.60 5.05
N LYS A 162 -20.24 32.56 3.80
CA LYS A 162 -21.59 32.08 3.49
C LYS A 162 -21.72 30.62 3.98
N PHE A 163 -20.71 29.80 3.68
CA PHE A 163 -20.66 28.44 4.17
C PHE A 163 -19.31 28.13 4.79
N LYS A 164 -19.27 27.14 5.68
CA LYS A 164 -18.03 26.75 6.36
C LYS A 164 -17.74 25.26 6.26
N LEU A 165 -16.65 24.92 5.58
CA LEU A 165 -16.11 23.57 5.57
C LEU A 165 -14.78 23.61 6.30
N PRO A 166 -14.41 22.52 6.97
CA PRO A 166 -13.11 22.51 7.65
C PRO A 166 -11.94 22.62 6.66
N SER A 167 -10.88 23.34 7.05
CA SER A 167 -9.66 23.38 6.25
C SER A 167 -8.69 22.36 6.82
N LEU A 168 -8.36 21.36 6.00
CA LEU A 168 -7.59 20.22 6.47
C LEU A 168 -6.17 20.20 5.94
N SER A 169 -5.89 21.03 4.95
CA SER A 169 -4.60 21.00 4.27
C SER A 169 -3.44 21.37 5.20
N GLU A 170 -3.70 22.18 6.22
CA GLU A 170 -2.64 22.63 7.11
C GLU A 170 -2.44 21.74 8.34
N LEU A 171 -3.24 20.68 8.48
CA LEU A 171 -3.12 19.78 9.63
C LEU A 171 -1.88 18.89 9.56
N LYS A 172 -1.34 18.55 10.72
CA LYS A 172 -0.23 17.60 10.81
C LYS A 172 -0.68 16.27 10.22
N ALA A 173 -1.92 15.89 10.51
CA ALA A 173 -2.47 14.64 10.03
C ALA A 173 -2.47 14.56 8.51
N PHE A 174 -2.66 15.70 7.85
CA PHE A 174 -2.61 15.76 6.40
C PHE A 174 -1.19 15.62 5.86
N GLU A 175 -0.26 16.30 6.50
CA GLU A 175 1.13 16.28 6.06
C GLU A 175 1.72 14.88 6.23
N LYS A 176 1.25 14.15 7.23
CA LYS A 176 1.72 12.79 7.49
C LYS A 176 1.05 11.75 6.61
N GLY A 177 0.16 12.18 5.73
CA GLY A 177 -0.46 11.26 4.79
C GLY A 177 -1.55 10.39 5.38
N TYR A 178 -2.16 10.85 6.45
CA TYR A 178 -3.18 10.06 7.15
C TYR A 178 -4.51 10.00 6.40
N PHE A 179 -4.73 10.95 5.49
CA PHE A 179 -5.99 11.00 4.76
C PHE A 179 -5.87 11.77 3.46
N TYR A 180 -6.91 11.62 2.63
CA TYR A 180 -6.97 12.28 1.34
C TYR A 180 -8.38 12.78 1.11
N PRO A 181 -8.57 14.10 1.08
CA PRO A 181 -9.92 14.63 0.86
C PRO A 181 -10.45 14.18 -0.50
N GLN A 182 -11.67 13.64 -0.49
CA GLN A 182 -12.23 12.98 -1.66
C GLN A 182 -13.72 12.74 -1.44
N GLY A 183 -14.53 13.01 -2.46
CA GLY A 183 -15.97 12.87 -2.34
C GLY A 183 -16.41 11.42 -2.16
N LEU A 184 -17.60 11.24 -1.60
CA LEU A 184 -18.16 9.90 -1.41
C LEU A 184 -18.29 9.13 -2.74
N PRO A 185 -18.96 9.71 -3.76
CA PRO A 185 -19.06 8.96 -5.02
C PRO A 185 -17.73 8.50 -5.60
N SER A 186 -16.68 9.30 -5.47
CA SER A 186 -15.36 8.92 -5.96
C SER A 186 -14.81 7.70 -5.21
N MET A 187 -15.03 7.65 -3.90
CA MET A 187 -14.58 6.53 -3.09
C MET A 187 -15.35 5.27 -3.48
N VAL A 188 -16.66 5.41 -3.69
CA VAL A 188 -17.49 4.31 -4.20
C VAL A 188 -16.91 3.76 -5.50
N THR A 189 -16.42 4.65 -6.36
CA THR A 189 -15.89 4.28 -7.68
C THR A 189 -14.78 3.24 -7.58
N ALA A 190 -13.78 3.50 -6.74
CA ALA A 190 -12.67 2.57 -6.56
C ALA A 190 -13.10 1.25 -5.92
N ARG A 191 -14.03 1.32 -4.98
CA ARG A 191 -14.56 0.10 -4.36
C ARG A 191 -15.25 -0.80 -5.38
N VAL A 192 -16.11 -0.18 -6.18
CA VAL A 192 -16.89 -0.87 -7.19
C VAL A 192 -16.02 -1.56 -8.25
N LEU A 193 -14.79 -1.09 -8.42
CA LEU A 193 -13.83 -1.71 -9.33
C LEU A 193 -13.34 -3.06 -8.78
N GLU A 194 -13.32 -3.17 -7.46
CA GLU A 194 -12.86 -4.37 -6.74
C GLU A 194 -11.47 -4.85 -7.20
N PRO A 195 -10.45 -4.00 -7.06
CA PRO A 195 -9.11 -4.40 -7.51
C PRO A 195 -8.51 -5.53 -6.68
N LYS A 196 -7.84 -6.45 -7.37
CA LYS A 196 -7.13 -7.55 -6.72
C LYS A 196 -5.62 -7.40 -6.94
N GLU A 197 -4.84 -7.90 -5.99
CA GLU A 197 -3.38 -7.87 -6.06
C GLU A 197 -2.85 -8.49 -7.37
N ASP A 198 -3.60 -9.45 -7.91
CA ASP A 198 -3.23 -10.14 -9.14
C ASP A 198 -3.48 -9.31 -10.40
N ASP A 199 -4.53 -8.50 -10.38
CA ASP A 199 -5.00 -7.80 -11.57
C ASP A 199 -3.95 -6.91 -12.23
N VAL A 200 -3.94 -6.93 -13.55
CA VAL A 200 -3.30 -5.86 -14.31
C VAL A 200 -4.28 -4.69 -14.34
N ILE A 201 -3.84 -3.54 -13.84
CA ILE A 201 -4.75 -2.44 -13.54
C ILE A 201 -4.28 -1.15 -14.18
N ILE A 202 -5.20 -0.46 -14.84
CA ILE A 202 -4.85 0.80 -15.49
C ILE A 202 -5.84 1.91 -15.14
N ASP A 203 -5.30 2.99 -14.60
CA ASP A 203 -6.03 4.23 -14.40
C ASP A 203 -5.60 5.18 -15.50
N MET A 204 -6.45 5.38 -16.51
CA MET A 204 -5.98 6.07 -17.72
C MET A 204 -6.20 7.57 -17.70
N ALA A 205 -6.80 8.08 -16.63
CA ALA A 205 -6.88 9.52 -16.42
C ALA A 205 -6.74 9.75 -14.93
N ALA A 206 -5.52 9.58 -14.43
CA ALA A 206 -5.33 9.29 -13.02
C ALA A 206 -5.02 10.50 -12.13
N ALA A 207 -4.43 11.55 -12.70
CA ALA A 207 -3.93 12.65 -11.87
C ALA A 207 -5.07 13.55 -11.41
N PRO A 208 -4.98 14.12 -10.18
CA PRO A 208 -3.85 14.07 -9.24
C PRO A 208 -3.70 12.78 -8.42
N GLY A 209 -4.47 11.74 -8.72
CA GLY A 209 -4.23 10.44 -8.11
C GLY A 209 -5.14 10.08 -6.97
N GLY A 210 -6.30 10.74 -6.89
CA GLY A 210 -7.30 10.42 -5.89
C GLY A 210 -7.75 8.96 -5.89
N LYS A 211 -8.26 8.50 -7.02
CA LYS A 211 -8.79 7.14 -7.09
C LYS A 211 -7.65 6.13 -7.20
N THR A 212 -6.53 6.56 -7.78
CA THR A 212 -5.38 5.68 -7.95
C THR A 212 -4.82 5.25 -6.61
N THR A 213 -4.62 6.22 -5.72
CA THR A 213 -4.05 5.94 -4.41
C THR A 213 -5.06 5.19 -3.55
N HIS A 214 -6.35 5.35 -3.83
CA HIS A 214 -7.37 4.57 -3.13
C HIS A 214 -7.21 3.10 -3.48
N ILE A 215 -7.02 2.81 -4.77
CA ILE A 215 -6.76 1.46 -5.24
C ILE A 215 -5.52 0.91 -4.53
N ALA A 216 -4.50 1.74 -4.39
CA ALA A 216 -3.26 1.34 -3.75
C ALA A 216 -3.49 0.81 -2.33
N GLN A 217 -4.28 1.53 -1.54
CA GLN A 217 -4.53 1.10 -0.16
C GLN A 217 -5.49 -0.08 -0.11
N LEU A 218 -6.39 -0.19 -1.08
CA LEU A 218 -7.23 -1.38 -1.19
C LEU A 218 -6.38 -2.61 -1.55
N LEU A 219 -5.32 -2.38 -2.32
CA LEU A 219 -4.36 -3.42 -2.66
C LEU A 219 -3.34 -3.63 -1.54
N GLU A 220 -3.38 -2.73 -0.56
CA GLU A 220 -2.44 -2.73 0.56
C GLU A 220 -1.01 -2.65 0.04
N ASN A 221 -0.81 -1.81 -0.97
CA ASN A 221 0.49 -1.55 -1.58
C ASN A 221 1.08 -2.78 -2.26
N LYS A 222 0.25 -3.77 -2.55
CA LYS A 222 0.68 -4.93 -3.32
C LYS A 222 0.34 -4.79 -4.80
N GLY A 223 0.86 -5.67 -5.63
CA GLY A 223 0.58 -5.62 -7.05
C GLY A 223 1.23 -4.42 -7.72
N GLU A 224 0.62 -3.97 -8.82
CA GLU A 224 1.09 -2.79 -9.53
C GLU A 224 -0.10 -2.04 -10.14
N ILE A 225 -0.04 -0.71 -10.10
CA ILE A 225 -1.05 0.11 -10.73
C ILE A 225 -0.39 1.04 -11.74
N ILE A 226 -0.82 0.95 -13.00
CA ILE A 226 -0.32 1.84 -14.03
C ILE A 226 -1.24 3.03 -14.12
N ALA A 227 -0.68 4.22 -13.93
CA ALA A 227 -1.49 5.44 -13.90
C ALA A 227 -1.07 6.42 -15.00
N ILE A 228 -2.04 6.75 -15.86
CA ILE A 228 -1.78 7.54 -17.05
C ILE A 228 -2.38 8.94 -16.95
N ASP A 229 -1.62 9.95 -17.34
CA ASP A 229 -2.18 11.28 -17.55
C ASP A 229 -1.38 12.06 -18.58
N LYS A 230 -2.06 12.98 -19.27
CA LYS A 230 -1.40 13.79 -20.30
C LYS A 230 -0.66 14.97 -19.68
N SER A 231 -1.20 15.49 -18.57
CA SER A 231 -0.65 16.68 -17.93
C SER A 231 0.56 16.38 -17.04
N LYS A 232 1.68 17.03 -17.32
CA LYS A 232 2.89 16.83 -16.53
C LYS A 232 2.79 17.50 -15.17
N ASN A 233 2.10 18.64 -15.14
CA ASN A 233 1.92 19.41 -13.92
C ASN A 233 1.06 18.62 -12.94
N ARG A 234 -0.03 18.06 -13.44
CA ARG A 234 -0.91 17.24 -12.62
C ARG A 234 -0.24 15.93 -12.20
N LEU A 235 0.59 15.36 -13.06
CA LEU A 235 1.40 14.21 -12.70
C LEU A 235 2.43 14.57 -11.63
N ARG A 236 2.94 15.79 -11.70
CA ARG A 236 3.89 16.26 -10.70
C ARG A 236 3.21 16.33 -9.33
N LYS A 237 1.97 16.80 -9.32
CA LYS A 237 1.18 16.85 -8.10
C LYS A 237 0.85 15.44 -7.61
N MET A 238 0.67 14.52 -8.56
CA MET A 238 0.40 13.13 -8.23
C MET A 238 1.61 12.45 -7.58
N GLU A 239 2.80 12.80 -8.03
CA GLU A 239 4.03 12.28 -7.43
C GLU A 239 4.13 12.66 -5.96
N GLU A 240 3.79 13.91 -5.66
CA GLU A 240 3.80 14.41 -4.29
C GLU A 240 2.78 13.69 -3.44
N ASN A 241 1.59 13.47 -4.00
CA ASN A 241 0.52 12.75 -3.31
C ASN A 241 0.90 11.32 -3.00
N ILE A 242 1.59 10.68 -3.95
CA ILE A 242 2.03 9.30 -3.77
C ILE A 242 3.03 9.20 -2.61
N LYS A 243 4.00 10.11 -2.60
CA LYS A 243 5.03 10.12 -1.56
C LYS A 243 4.43 10.38 -0.18
N ARG A 244 3.53 11.36 -0.10
CA ARG A 244 2.92 11.75 1.16
C ARG A 244 2.04 10.65 1.74
N LEU A 245 1.29 9.98 0.88
CA LEU A 245 0.39 8.91 1.29
C LEU A 245 1.15 7.60 1.54
N GLY A 246 2.42 7.57 1.15
CA GLY A 246 3.23 6.38 1.30
C GLY A 246 2.88 5.29 0.31
N VAL A 247 2.43 5.69 -0.87
CA VAL A 247 2.04 4.75 -1.91
C VAL A 247 3.26 4.22 -2.66
N LYS A 248 3.42 2.89 -2.69
CA LYS A 248 4.55 2.26 -3.37
C LYS A 248 4.08 1.33 -4.48
N ASN A 249 2.87 1.58 -4.94
CA ASN A 249 2.14 0.65 -5.78
C ASN A 249 2.06 1.09 -7.23
N VAL A 250 2.36 2.36 -7.47
CA VAL A 250 1.94 3.01 -8.70
C VAL A 250 3.09 3.34 -9.63
N LYS A 251 2.88 2.99 -10.91
CA LYS A 251 3.80 3.36 -11.98
C LYS A 251 3.18 4.45 -12.84
N LEU A 252 3.79 5.63 -12.80
CA LEU A 252 3.34 6.76 -13.60
C LEU A 252 3.83 6.70 -15.04
N VAL A 253 2.93 6.92 -15.97
CA VAL A 253 3.28 7.07 -17.38
C VAL A 253 2.55 8.27 -17.96
N GLN A 254 3.32 9.19 -18.54
CA GLN A 254 2.75 10.34 -19.23
C GLN A 254 2.49 10.02 -20.70
N MET A 255 1.28 10.34 -21.17
CA MET A 255 0.85 10.03 -22.54
C MET A 255 -0.61 10.39 -22.76
N ASP A 256 -0.98 10.56 -24.03
CA ASP A 256 -2.37 10.67 -24.42
C ASP A 256 -3.02 9.29 -24.32
N ALA A 257 -3.91 9.12 -23.34
CA ALA A 257 -4.51 7.82 -23.04
C ALA A 257 -5.39 7.28 -24.17
N ARG A 258 -5.72 8.13 -25.13
CA ARG A 258 -6.51 7.68 -26.27
C ARG A 258 -5.69 6.75 -27.15
N LYS A 259 -4.37 6.79 -26.98
CA LYS A 259 -3.48 5.87 -27.67
C LYS A 259 -3.05 4.67 -26.81
N LEU A 260 -3.74 4.44 -25.70
CA LEU A 260 -3.42 3.35 -24.77
C LEU A 260 -3.05 1.99 -25.39
N PRO A 261 -3.79 1.53 -26.43
CA PRO A 261 -3.40 0.24 -26.99
C PRO A 261 -2.00 0.22 -27.63
N ASP A 262 -1.34 1.37 -27.76
CA ASP A 262 0.03 1.44 -28.25
C ASP A 262 0.99 0.70 -27.33
N LEU A 263 0.59 0.55 -26.08
CA LEU A 263 1.29 -0.35 -25.15
C LEU A 263 0.87 -1.78 -25.48
N GLY A 264 1.51 -2.78 -24.89
CA GLY A 264 1.18 -4.13 -25.28
C GLY A 264 0.35 -4.83 -24.23
N ILE A 265 -0.24 -4.01 -23.36
CA ILE A 265 -0.93 -4.49 -22.19
C ILE A 265 -2.39 -4.79 -22.43
N LYS A 266 -2.85 -5.94 -21.98
CA LYS A 266 -4.28 -6.17 -21.85
C LYS A 266 -4.63 -6.30 -20.38
N ALA A 267 -5.28 -5.29 -19.84
CA ALA A 267 -5.55 -5.22 -18.42
C ALA A 267 -6.78 -6.02 -18.02
N ASP A 268 -6.81 -6.46 -16.78
CA ASP A 268 -7.98 -7.11 -16.19
C ASP A 268 -8.97 -6.07 -15.65
N LYS A 269 -8.43 -4.94 -15.21
CA LYS A 269 -9.24 -3.90 -14.61
C LYS A 269 -8.79 -2.56 -15.15
N ILE A 270 -9.74 -1.79 -15.66
CA ILE A 270 -9.45 -0.44 -16.11
C ILE A 270 -10.41 0.55 -15.47
N LEU A 271 -9.85 1.56 -14.82
CA LEU A 271 -10.65 2.70 -14.36
C LEU A 271 -10.52 3.87 -15.33
N LEU A 272 -11.67 4.33 -15.80
CA LEU A 272 -11.74 5.52 -16.64
C LEU A 272 -12.57 6.59 -15.94
N ASP A 273 -11.89 7.42 -15.17
CA ASP A 273 -12.54 8.56 -14.53
C ASP A 273 -12.35 9.75 -15.45
N ALA A 274 -13.25 9.86 -16.43
CA ALA A 274 -12.99 10.61 -17.65
C ALA A 274 -13.12 12.11 -17.50
N PRO A 275 -12.27 12.86 -18.24
CA PRO A 275 -12.48 14.30 -18.35
C PRO A 275 -13.91 14.56 -18.81
N CYS A 276 -14.57 15.53 -18.22
CA CYS A 276 -15.98 15.74 -18.48
C CYS A 276 -16.35 17.19 -18.26
N THR A 277 -17.59 17.54 -18.60
CA THR A 277 -18.05 18.92 -18.47
C THR A 277 -18.12 19.38 -17.01
N ALA A 278 -17.98 18.45 -16.07
CA ALA A 278 -17.91 18.76 -14.64
C ALA A 278 -19.16 19.52 -14.16
N LEU A 279 -20.30 19.21 -14.77
CA LEU A 279 -21.55 19.87 -14.44
C LEU A 279 -22.00 19.59 -13.01
N GLY A 280 -21.43 18.57 -12.39
CA GLY A 280 -21.85 18.14 -11.07
C GLY A 280 -21.04 18.66 -9.89
N VAL A 281 -19.97 19.39 -10.16
CA VAL A 281 -19.08 19.79 -9.08
C VAL A 281 -19.70 20.91 -8.25
N ARG A 282 -19.37 20.92 -6.97
CA ARG A 282 -19.92 21.90 -6.03
C ARG A 282 -18.78 22.54 -5.24
N PRO A 283 -18.92 23.82 -4.87
CA PRO A 283 -20.05 24.69 -5.23
C PRO A 283 -19.96 25.20 -6.66
N LYS A 284 -21.12 25.45 -7.26
CA LYS A 284 -21.19 25.95 -8.61
C LYS A 284 -21.68 27.40 -8.57
N LEU A 285 -20.74 28.33 -8.43
CA LEU A 285 -21.07 29.76 -8.35
C LEU A 285 -21.62 30.26 -9.68
N TRP A 286 -20.91 29.99 -10.76
CA TRP A 286 -21.39 30.29 -12.10
C TRP A 286 -20.97 29.19 -13.05
N GLU A 287 -21.93 28.51 -13.66
CA GLU A 287 -21.64 27.47 -14.63
C GLU A 287 -21.28 28.11 -15.96
N GLU A 288 -20.11 27.78 -16.50
CA GLU A 288 -19.65 28.37 -17.75
C GLU A 288 -19.86 27.43 -18.92
N ARG A 289 -19.81 26.12 -18.67
CA ARG A 289 -19.98 25.14 -19.73
C ARG A 289 -21.44 24.94 -20.07
N THR A 290 -21.69 24.61 -21.33
CA THR A 290 -23.04 24.47 -21.84
C THR A 290 -23.14 23.36 -22.89
N LEU A 291 -24.22 23.38 -23.68
CA LEU A 291 -24.57 22.25 -24.54
C LEU A 291 -23.50 21.89 -25.55
N LYS A 292 -22.90 22.89 -26.19
CA LYS A 292 -21.82 22.64 -27.14
C LYS A 292 -20.67 21.86 -26.50
N HIS A 293 -20.43 22.10 -25.22
CA HIS A 293 -19.37 21.41 -24.49
C HIS A 293 -19.75 19.95 -24.20
N ILE A 294 -21.04 19.71 -23.94
CA ILE A 294 -21.51 18.37 -23.66
C ILE A 294 -21.28 17.44 -24.84
N GLU A 295 -21.70 17.87 -26.02
CA GLU A 295 -21.54 17.08 -27.23
C GLU A 295 -20.07 16.87 -27.56
N ALA A 296 -19.28 17.95 -27.53
CA ALA A 296 -17.85 17.87 -27.82
C ALA A 296 -17.12 16.95 -26.85
N THR A 297 -17.41 17.11 -25.56
CA THR A 297 -16.74 16.31 -24.54
C THR A 297 -17.19 14.85 -24.62
N ALA A 298 -18.47 14.63 -24.87
CA ALA A 298 -19.00 13.27 -24.98
C ALA A 298 -18.29 12.52 -26.09
N ARG A 299 -18.07 13.21 -27.20
CA ARG A 299 -17.38 12.63 -28.35
C ARG A 299 -15.91 12.38 -28.01
N TYR A 300 -15.35 13.27 -27.19
CA TYR A 300 -13.96 13.17 -26.81
C TYR A 300 -13.73 12.00 -25.85
N GLN A 301 -14.73 11.69 -25.04
CA GLN A 301 -14.65 10.59 -24.09
C GLN A 301 -14.70 9.23 -24.78
N ARG A 302 -15.41 9.17 -25.92
CA ARG A 302 -15.55 7.95 -26.70
C ARG A 302 -14.20 7.37 -27.09
N ALA A 303 -13.28 8.25 -27.47
CA ALA A 303 -11.93 7.84 -27.82
C ALA A 303 -11.26 7.09 -26.66
N PHE A 304 -11.39 7.62 -25.44
CA PHE A 304 -10.88 6.96 -24.25
C PHE A 304 -11.53 5.60 -24.05
N ILE A 305 -12.85 5.57 -24.14
CA ILE A 305 -13.64 4.37 -23.94
C ILE A 305 -13.21 3.26 -24.90
N TRP A 306 -13.19 3.58 -26.19
CA TRP A 306 -12.78 2.65 -27.23
C TRP A 306 -11.36 2.17 -26.98
N ALA A 307 -10.49 3.08 -26.57
CA ALA A 307 -9.11 2.74 -26.22
C ALA A 307 -9.08 1.73 -25.07
N ALA A 308 -9.93 1.95 -24.08
CA ALA A 308 -9.99 1.06 -22.92
C ALA A 308 -10.50 -0.32 -23.30
N ILE A 309 -11.60 -0.34 -24.05
CA ILE A 309 -12.23 -1.59 -24.47
C ILE A 309 -11.24 -2.47 -25.23
N LYS A 310 -10.49 -1.88 -26.14
CA LYS A 310 -9.49 -2.61 -26.91
C LYS A 310 -8.33 -3.10 -26.02
N SER A 311 -8.05 -2.37 -24.95
CA SER A 311 -6.96 -2.72 -24.04
C SER A 311 -7.39 -3.66 -22.92
N LEU A 312 -8.67 -4.04 -22.91
CA LEU A 312 -9.18 -4.97 -21.91
C LEU A 312 -9.09 -6.41 -22.38
N ARG A 313 -8.71 -7.31 -21.47
CA ARG A 313 -8.84 -8.73 -21.74
C ARG A 313 -10.32 -9.07 -21.78
N ARG A 314 -10.68 -10.09 -22.55
CA ARG A 314 -12.03 -10.63 -22.48
C ARG A 314 -12.27 -11.07 -21.04
N GLY A 315 -13.47 -10.86 -20.53
CA GLY A 315 -13.74 -11.06 -19.12
C GLY A 315 -13.23 -9.96 -18.21
N GLY A 316 -12.59 -8.95 -18.81
CA GLY A 316 -12.05 -7.84 -18.05
C GLY A 316 -13.11 -6.84 -17.64
N VAL A 317 -12.76 -5.95 -16.72
CA VAL A 317 -13.73 -5.00 -16.16
C VAL A 317 -13.32 -3.54 -16.39
N LEU A 318 -14.27 -2.74 -16.86
CA LEU A 318 -14.09 -1.30 -16.98
C LEU A 318 -15.01 -0.55 -16.03
N VAL A 319 -14.45 0.37 -15.27
CA VAL A 319 -15.28 1.28 -14.48
C VAL A 319 -15.15 2.67 -15.07
N TYR A 320 -16.27 3.18 -15.56
CA TYR A 320 -16.34 4.51 -16.16
C TYR A 320 -17.04 5.48 -15.21
N SER A 321 -16.41 6.61 -14.92
CA SER A 321 -17.05 7.58 -14.04
C SER A 321 -16.82 9.02 -14.51
N THR A 322 -17.80 9.88 -14.23
CA THR A 322 -17.69 11.30 -14.48
C THR A 322 -18.28 12.08 -13.31
N CYS A 323 -17.85 13.33 -13.13
CA CYS A 323 -18.49 14.21 -12.18
C CYS A 323 -19.41 15.19 -12.92
N THR A 324 -20.20 14.65 -13.84
CA THR A 324 -21.11 15.46 -14.64
C THR A 324 -22.50 14.84 -14.68
N LEU A 325 -23.50 15.66 -15.00
CA LEU A 325 -24.90 15.25 -14.99
C LEU A 325 -25.48 14.88 -16.36
N SER A 326 -24.78 15.24 -17.43
CA SER A 326 -25.34 15.12 -18.78
C SER A 326 -25.66 13.68 -19.16
N TYR A 327 -26.69 13.50 -19.99
CA TYR A 327 -27.03 12.19 -20.50
C TYR A 327 -25.96 11.66 -21.47
N GLU A 328 -25.55 12.52 -22.40
CA GLU A 328 -24.64 12.13 -23.48
C GLU A 328 -23.30 11.60 -22.96
N GLU A 329 -22.74 12.24 -21.94
CA GLU A 329 -21.47 11.82 -21.38
C GLU A 329 -21.59 10.60 -20.47
N ASN A 330 -22.82 10.24 -20.12
CA ASN A 330 -23.03 9.17 -19.15
C ASN A 330 -23.74 7.97 -19.76
N GLU A 331 -25.06 7.90 -19.65
CA GLU A 331 -25.81 6.77 -20.16
C GLU A 331 -25.59 6.58 -21.66
N GLY A 332 -25.44 7.69 -22.39
CA GLY A 332 -25.26 7.64 -23.83
C GLY A 332 -23.94 6.99 -24.23
N ASN A 333 -22.88 7.32 -23.51
CA ASN A 333 -21.57 6.73 -23.78
C ASN A 333 -21.49 5.28 -23.28
N VAL A 334 -22.40 4.89 -22.40
CA VAL A 334 -22.45 3.49 -21.99
C VAL A 334 -23.15 2.64 -23.06
N LYS A 335 -24.19 3.19 -23.69
CA LYS A 335 -24.83 2.54 -24.84
C LYS A 335 -23.79 2.27 -25.93
N PHE A 336 -22.93 3.25 -26.17
CA PHE A 336 -21.76 3.07 -27.02
C PHE A 336 -20.98 1.80 -26.63
N MET A 337 -20.68 1.67 -25.35
CA MET A 337 -19.91 0.52 -24.86
C MET A 337 -20.63 -0.80 -25.06
N ILE A 338 -21.95 -0.79 -24.89
CA ILE A 338 -22.77 -1.98 -25.07
C ILE A 338 -22.73 -2.44 -26.52
N ARG A 339 -22.65 -1.49 -27.45
CA ARG A 339 -22.54 -1.83 -28.86
C ARG A 339 -21.15 -2.35 -29.21
N LYS A 340 -20.19 -2.13 -28.32
CA LYS A 340 -18.81 -2.52 -28.57
C LYS A 340 -18.35 -3.74 -27.76
N GLY A 341 -19.28 -4.59 -27.34
CA GLY A 341 -18.93 -5.84 -26.69
C GLY A 341 -18.76 -5.78 -25.18
N MET A 342 -19.33 -4.75 -24.56
CA MET A 342 -19.28 -4.63 -23.10
C MET A 342 -20.66 -4.93 -22.51
N LYS A 343 -20.67 -5.48 -21.30
CA LYS A 343 -21.93 -5.83 -20.63
C LYS A 343 -22.01 -5.18 -19.24
N LEU A 344 -23.18 -4.62 -18.93
CA LEU A 344 -23.42 -4.02 -17.62
C LEU A 344 -23.39 -5.06 -16.50
N GLU A 345 -22.76 -4.69 -15.40
CA GLU A 345 -22.68 -5.56 -14.22
C GLU A 345 -23.11 -4.82 -12.97
N GLU A 346 -23.74 -5.56 -12.06
CA GLU A 346 -24.11 -5.05 -10.76
C GLU A 346 -22.88 -4.52 -10.02
N GLN A 347 -23.00 -3.32 -9.45
CA GLN A 347 -21.92 -2.74 -8.67
C GLN A 347 -22.01 -3.18 -7.21
N SER A 348 -20.85 -3.37 -6.57
CA SER A 348 -20.82 -3.97 -5.23
C SER A 348 -21.45 -3.07 -4.20
N ILE A 349 -21.36 -1.76 -4.42
CA ILE A 349 -21.98 -0.78 -3.54
C ILE A 349 -22.95 0.10 -4.33
N PHE A 350 -24.21 0.10 -3.94
CA PHE A 350 -25.19 0.95 -4.60
C PHE A 350 -25.99 1.74 -3.57
N ILE A 351 -25.62 3.01 -3.40
CA ILE A 351 -26.33 3.87 -2.45
C ILE A 351 -26.83 5.16 -3.11
N GLY A 352 -26.53 5.31 -4.39
CA GLY A 352 -26.98 6.47 -5.14
C GLY A 352 -28.33 6.21 -5.78
N SER A 353 -28.51 6.73 -6.99
CA SER A 353 -29.74 6.53 -7.74
C SER A 353 -29.51 5.66 -8.97
N PRO A 354 -30.59 5.06 -9.51
CA PRO A 354 -30.50 4.42 -10.82
C PRO A 354 -30.23 5.43 -11.92
N GLY A 355 -29.71 4.97 -13.06
CA GLY A 355 -29.46 5.85 -14.18
C GLY A 355 -30.70 6.25 -14.95
N ILE A 356 -30.55 7.13 -15.92
CA ILE A 356 -31.66 7.58 -16.76
C ILE A 356 -32.08 6.50 -17.74
N GLY A 357 -33.21 5.84 -17.48
CA GLY A 357 -33.71 4.81 -18.35
C GLY A 357 -32.69 3.69 -18.49
N MET A 358 -32.02 3.38 -17.40
CA MET A 358 -30.91 2.45 -17.45
C MET A 358 -30.57 1.90 -16.06
N ASN A 359 -30.42 0.59 -15.96
CA ASN A 359 -30.66 -0.12 -14.70
C ASN A 359 -29.50 -0.32 -13.74
N LYS A 360 -28.32 -0.69 -14.25
CA LYS A 360 -27.25 -1.10 -13.34
C LYS A 360 -26.19 -0.02 -13.10
N VAL A 361 -26.32 1.11 -13.76
CA VAL A 361 -25.42 2.24 -13.52
C VAL A 361 -25.92 3.03 -12.32
N GLN A 362 -25.01 3.79 -11.73
CA GLN A 362 -25.28 4.50 -10.49
C GLN A 362 -25.09 6.00 -10.63
N ARG A 363 -26.12 6.77 -10.32
CA ARG A 363 -26.00 8.22 -10.31
C ARG A 363 -26.04 8.80 -8.91
N PHE A 364 -25.30 9.89 -8.71
CA PHE A 364 -25.40 10.65 -7.48
C PHE A 364 -25.93 12.04 -7.77
N TYR A 365 -26.85 12.51 -6.92
CA TYR A 365 -27.43 13.83 -7.05
C TYR A 365 -27.21 14.60 -5.77
N PRO A 366 -26.94 15.92 -5.89
CA PRO A 366 -26.66 16.76 -4.71
C PRO A 366 -27.85 16.90 -3.76
N HIS A 367 -29.05 16.95 -4.30
CA HIS A 367 -30.22 17.14 -3.45
C HIS A 367 -30.65 15.85 -2.79
N LYS A 368 -30.32 14.72 -3.40
CA LYS A 368 -30.71 13.42 -2.84
C LYS A 368 -29.64 12.80 -1.95
N HIS A 369 -28.37 12.95 -2.34
CA HIS A 369 -27.31 12.21 -1.68
C HIS A 369 -26.28 13.10 -1.00
N LEU A 370 -26.46 14.41 -1.11
CA LEU A 370 -25.64 15.38 -0.39
C LEU A 370 -24.21 15.41 -0.95
N THR A 371 -24.08 14.98 -2.20
CA THR A 371 -22.78 14.84 -2.86
C THR A 371 -22.68 15.72 -4.09
N GLN A 372 -21.54 15.68 -4.76
CA GLN A 372 -21.46 16.24 -6.09
C GLN A 372 -22.28 15.36 -7.05
N GLY A 373 -22.72 15.95 -8.15
CA GLY A 373 -23.35 15.19 -9.21
C GLY A 373 -22.31 14.23 -9.76
N PHE A 374 -22.69 12.98 -9.97
CA PHE A 374 -21.72 11.95 -10.29
C PHE A 374 -22.37 10.82 -11.05
N PHE A 375 -21.55 10.00 -11.69
CA PHE A 375 -22.04 8.88 -12.49
C PHE A 375 -21.03 7.75 -12.46
N ILE A 376 -21.51 6.51 -12.27
CA ILE A 376 -20.63 5.35 -12.22
C ILE A 376 -21.19 4.17 -13.01
N ALA A 377 -20.41 3.68 -13.96
CA ALA A 377 -20.79 2.52 -14.73
C ALA A 377 -19.73 1.42 -14.60
N LYS A 378 -20.18 0.20 -14.39
CA LYS A 378 -19.29 -0.95 -14.31
C LYS A 378 -19.64 -1.95 -15.40
N LEU A 379 -18.66 -2.26 -16.24
CA LEU A 379 -18.88 -3.12 -17.38
C LEU A 379 -17.91 -4.29 -17.46
N ARG A 380 -18.41 -5.38 -18.04
CA ARG A 380 -17.63 -6.59 -18.26
C ARG A 380 -17.46 -6.81 -19.77
N LYS A 381 -16.22 -7.00 -20.22
CA LYS A 381 -15.96 -7.19 -21.64
C LYS A 381 -16.23 -8.64 -22.06
N VAL A 382 -17.38 -8.86 -22.69
CA VAL A 382 -17.79 -10.22 -23.04
C VAL A 382 -17.15 -10.74 -24.33
N LYS A 383 -16.80 -9.83 -25.24
CA LYS A 383 -16.12 -10.21 -26.49
C LYS A 383 -15.43 -9.00 -27.13
N ASP A 384 -14.63 -9.25 -28.17
CA ASP A 384 -13.91 -8.19 -28.85
C ASP A 384 -14.74 -7.56 -29.97
N TYR B 1 31.91 -12.59 -6.74
CA TYR B 1 30.75 -12.54 -5.84
C TYR B 1 30.77 -11.27 -5.01
N LEU B 2 31.98 -10.73 -4.81
CA LEU B 2 32.17 -9.52 -4.01
C LEU B 2 31.36 -8.35 -4.55
N GLU B 3 31.08 -8.41 -5.85
CA GLU B 3 30.34 -7.37 -6.55
C GLU B 3 28.92 -7.21 -6.00
N ALA B 4 28.38 -8.29 -5.43
CA ALA B 4 27.02 -8.27 -4.90
C ALA B 4 26.88 -7.35 -3.70
N PHE B 5 28.00 -6.98 -3.11
CA PHE B 5 28.00 -6.23 -1.88
C PHE B 5 28.68 -4.89 -2.07
N PRO B 6 27.99 -3.80 -1.66
CA PRO B 6 28.55 -2.46 -1.83
C PRO B 6 29.90 -2.33 -1.15
N LYS B 7 30.75 -1.46 -1.69
CA LYS B 7 32.14 -1.39 -1.28
C LYS B 7 32.29 -1.05 0.19
N GLU B 8 31.46 -0.15 0.67
CA GLU B 8 31.52 0.29 2.06
C GLU B 8 31.04 -0.82 3.01
N LEU B 9 30.10 -1.64 2.56
CA LEU B 9 29.67 -2.78 3.36
C LEU B 9 30.77 -3.85 3.41
N ARG B 10 31.47 -4.03 2.29
CA ARG B 10 32.56 -5.00 2.22
C ARG B 10 33.65 -4.63 3.19
N GLU B 11 34.01 -3.34 3.23
CA GLU B 11 34.98 -2.84 4.19
C GLU B 11 34.53 -3.04 5.62
N TYR B 12 33.24 -2.77 5.87
CA TYR B 12 32.64 -2.99 7.19
C TYR B 12 32.78 -4.44 7.62
N TYR B 13 32.43 -5.38 6.73
CA TYR B 13 32.57 -6.81 7.04
C TYR B 13 34.03 -7.18 7.33
N LYS B 14 34.93 -6.77 6.45
CA LYS B 14 36.36 -7.03 6.63
C LYS B 14 36.85 -6.51 7.99
N ASN B 15 36.45 -5.29 8.35
CA ASN B 15 36.81 -4.70 9.63
C ASN B 15 36.24 -5.51 10.79
N LEU B 16 35.00 -5.99 10.62
CA LEU B 16 34.29 -6.62 11.72
C LEU B 16 34.57 -8.12 11.90
N PHE B 17 34.90 -8.83 10.82
CA PHE B 17 35.06 -10.29 10.89
C PHE B 17 36.48 -10.77 10.59
N GLY B 18 37.27 -9.89 9.99
CA GLY B 18 38.57 -10.29 9.47
C GLY B 18 38.48 -10.58 7.99
N LYS B 19 39.57 -10.27 7.31
CA LYS B 19 39.68 -10.34 5.86
C LYS B 19 39.18 -11.70 5.34
N GLU B 20 39.67 -12.80 5.91
CA GLU B 20 39.31 -14.14 5.44
C GLU B 20 37.85 -14.53 5.65
N GLU B 21 37.39 -14.39 6.89
CA GLU B 21 36.01 -14.71 7.23
C GLU B 21 34.99 -13.89 6.45
N ALA B 22 35.30 -12.60 6.27
CA ALA B 22 34.42 -11.71 5.51
C ALA B 22 34.20 -12.21 4.09
N ASN B 23 35.27 -12.72 3.47
CA ASN B 23 35.17 -13.22 2.11
C ASN B 23 34.41 -14.53 2.06
N LYS B 24 34.59 -15.34 3.10
CA LYS B 24 33.86 -16.60 3.18
C LYS B 24 32.38 -16.34 3.42
N ILE B 25 32.08 -15.31 4.22
CA ILE B 25 30.69 -15.03 4.54
C ILE B 25 29.96 -14.49 3.31
N MET B 26 30.57 -13.52 2.62
CA MET B 26 29.95 -12.93 1.45
C MET B 26 29.78 -13.97 0.34
N LYS B 27 30.77 -14.83 0.17
CA LYS B 27 30.68 -15.89 -0.83
C LYS B 27 29.49 -16.81 -0.56
N LYS B 28 29.34 -17.24 0.69
CA LYS B 28 28.27 -18.17 1.07
C LYS B 28 26.90 -17.52 1.10
N LEU B 29 26.85 -16.24 1.48
CA LEU B 29 25.60 -15.48 1.49
C LEU B 29 24.94 -15.42 0.11
N ARG B 30 25.74 -15.52 -0.94
CA ARG B 30 25.22 -15.44 -2.30
C ARG B 30 24.51 -16.72 -2.71
N GLU B 31 24.69 -17.78 -1.92
CA GLU B 31 24.09 -19.08 -2.22
C GLU B 31 22.95 -19.36 -1.26
N PRO B 32 22.00 -20.21 -1.68
CA PRO B 32 20.93 -20.67 -0.78
C PRO B 32 21.50 -21.52 0.33
N VAL B 33 20.76 -21.68 1.44
CA VAL B 33 21.26 -22.51 2.53
C VAL B 33 21.53 -23.94 2.06
N GLU B 34 22.60 -24.52 2.57
CA GLU B 34 23.02 -25.86 2.19
C GLU B 34 22.07 -26.90 2.80
N HIS B 35 21.54 -26.56 3.96
CA HIS B 35 20.59 -27.40 4.67
C HIS B 35 19.26 -26.65 4.81
N TYR B 36 18.26 -27.10 4.07
CA TYR B 36 16.97 -26.42 4.04
C TYR B 36 16.02 -26.99 5.08
N TYR B 37 15.78 -26.22 6.13
CA TYR B 37 15.06 -26.72 7.31
C TYR B 37 13.56 -26.47 7.28
N ILE B 38 12.83 -27.39 7.88
CA ILE B 38 11.41 -27.23 8.13
C ILE B 38 11.13 -27.62 9.56
N ARG B 39 10.07 -27.07 10.14
CA ARG B 39 9.67 -27.45 11.48
C ARG B 39 8.52 -28.44 11.40
N VAL B 40 8.69 -29.58 12.07
CA VAL B 40 7.59 -30.52 12.23
C VAL B 40 6.52 -29.91 13.13
N ASN B 41 5.30 -29.81 12.63
CA ASN B 41 4.21 -29.30 13.45
C ASN B 41 3.70 -30.41 14.37
N THR B 42 4.32 -30.53 15.54
CA THR B 42 3.95 -31.59 16.48
C THR B 42 2.53 -31.44 17.04
N LEU B 43 1.84 -30.38 16.66
CA LEU B 43 0.43 -30.23 17.01
C LEU B 43 -0.45 -31.20 16.21
N LYS B 44 0.02 -31.60 15.03
CA LYS B 44 -0.76 -32.44 14.13
C LYS B 44 -0.10 -33.77 13.81
N ILE B 45 1.22 -33.86 13.99
CA ILE B 45 1.95 -35.04 13.55
C ILE B 45 3.30 -35.16 14.24
N SER B 46 3.81 -36.38 14.33
CA SER B 46 5.15 -36.58 14.88
C SER B 46 6.18 -36.44 13.78
N ARG B 47 7.45 -36.38 14.16
CA ARG B 47 8.55 -36.28 13.21
C ARG B 47 8.62 -37.49 12.28
N GLU B 48 8.59 -38.68 12.87
CA GLU B 48 8.77 -39.90 12.08
C GLU B 48 7.60 -40.14 11.12
N LYS B 49 6.38 -39.85 11.57
CA LYS B 49 5.21 -40.01 10.69
C LYS B 49 5.35 -39.08 9.49
N LEU B 50 5.76 -37.84 9.77
CA LEU B 50 5.95 -36.85 8.71
C LEU B 50 7.03 -37.28 7.72
N ILE B 51 8.15 -37.79 8.25
CA ILE B 51 9.19 -38.37 7.40
C ILE B 51 8.61 -39.39 6.43
N GLY B 52 7.84 -40.34 6.96
CA GLY B 52 7.15 -41.32 6.14
C GLY B 52 6.35 -40.70 5.02
N GLU B 53 5.65 -39.60 5.31
CA GLU B 53 4.81 -38.90 4.34
C GLU B 53 5.64 -38.23 3.25
N LEU B 54 6.79 -37.67 3.63
CA LEU B 54 7.65 -36.96 2.69
C LEU B 54 8.41 -37.92 1.80
N LYS B 55 8.77 -39.09 2.35
CA LYS B 55 9.44 -40.12 1.57
C LYS B 55 8.50 -40.65 0.49
N LYS B 56 7.21 -40.70 0.81
CA LYS B 56 6.19 -41.05 -0.17
C LYS B 56 6.27 -40.14 -1.40
N GLU B 57 6.57 -38.87 -1.16
CA GLU B 57 6.63 -37.88 -2.24
C GLU B 57 8.02 -37.85 -2.89
N GLY B 58 8.88 -38.79 -2.52
CA GLY B 58 10.21 -38.90 -3.10
C GLY B 58 11.25 -37.95 -2.51
N LEU B 59 10.93 -37.36 -1.36
CA LEU B 59 11.85 -36.42 -0.72
C LEU B 59 12.77 -37.16 0.25
N LYS B 60 13.92 -36.56 0.54
CA LYS B 60 14.91 -37.17 1.42
C LYS B 60 15.16 -36.32 2.66
N PRO B 61 14.17 -36.24 3.56
CA PRO B 61 14.34 -35.43 4.77
C PRO B 61 15.35 -36.04 5.72
N LEU B 62 16.13 -35.21 6.39
CA LEU B 62 17.07 -35.70 7.38
C LEU B 62 16.75 -35.12 8.75
N ARG B 63 17.05 -35.90 9.78
CA ARG B 63 16.71 -35.53 11.15
C ARG B 63 17.80 -34.68 11.79
N SER B 64 17.39 -33.71 12.59
CA SER B 64 18.34 -32.95 13.40
C SER B 64 18.52 -33.61 14.75
N PRO B 65 19.78 -33.80 15.18
CA PRO B 65 20.05 -34.40 16.49
C PRO B 65 19.94 -33.39 17.63
N TYR B 66 19.68 -32.12 17.29
CA TYR B 66 19.56 -31.07 18.29
C TYR B 66 18.11 -30.64 18.47
N LEU B 67 17.36 -30.62 17.38
CA LEU B 67 15.95 -30.24 17.45
C LEU B 67 15.04 -31.41 17.03
N PRO B 68 14.41 -32.07 18.00
CA PRO B 68 13.50 -33.17 17.68
C PRO B 68 12.36 -32.77 16.73
N GLU B 69 12.09 -31.47 16.60
CA GLU B 69 11.08 -31.01 15.66
C GLU B 69 11.71 -30.55 14.35
N GLY B 70 13.01 -30.81 14.19
CA GLY B 70 13.73 -30.37 13.01
C GLY B 70 13.92 -31.41 11.93
N LEU B 71 13.58 -31.05 10.70
CA LEU B 71 13.94 -31.81 9.52
C LEU B 71 14.60 -30.90 8.51
N TYR B 72 15.52 -31.42 7.72
CA TYR B 72 16.16 -30.62 6.70
C TYR B 72 16.42 -31.41 5.42
N PHE B 73 16.51 -30.70 4.30
CA PHE B 73 16.82 -31.29 3.00
C PHE B 73 18.18 -30.77 2.53
N VAL B 74 18.99 -31.64 1.94
CA VAL B 74 20.29 -31.22 1.45
C VAL B 74 20.16 -30.54 0.08
N ARG B 75 20.78 -29.36 -0.05
CA ARG B 75 20.70 -28.55 -1.25
C ARG B 75 21.48 -29.18 -2.41
N GLU B 76 20.98 -29.01 -3.62
CA GLU B 76 21.69 -29.50 -4.81
C GLU B 76 22.29 -28.30 -5.55
N GLY B 77 23.53 -28.46 -6.01
CA GLY B 77 24.19 -27.41 -6.77
C GLY B 77 25.48 -26.96 -6.13
N PRO B 78 26.19 -26.04 -6.80
CA PRO B 78 25.78 -25.37 -8.05
C PRO B 78 25.88 -26.29 -9.26
N ASN B 79 24.89 -26.19 -10.16
CA ASN B 79 24.82 -27.06 -11.33
C ASN B 79 25.62 -26.57 -12.53
N PHE B 80 26.17 -25.37 -12.44
CA PHE B 80 27.12 -24.88 -13.43
C PHE B 80 28.08 -23.85 -12.84
N SER B 81 29.19 -23.65 -13.55
CA SER B 81 30.24 -22.76 -13.07
C SER B 81 29.77 -21.31 -13.02
N ASP B 82 30.48 -20.51 -12.25
CA ASP B 82 30.12 -19.10 -12.08
C ASP B 82 30.38 -18.29 -13.35
N ASP B 83 31.27 -18.80 -14.21
CA ASP B 83 31.64 -18.10 -15.43
C ASP B 83 30.99 -18.69 -16.67
N PHE B 84 30.17 -19.72 -16.49
CA PHE B 84 29.54 -20.43 -17.60
C PHE B 84 28.80 -19.50 -18.56
N GLU B 85 29.12 -19.60 -19.84
CA GLU B 85 28.50 -18.77 -20.86
C GLU B 85 27.78 -19.65 -21.88
N PRO B 86 26.55 -20.08 -21.54
CA PRO B 86 25.82 -20.98 -22.43
C PRO B 86 25.51 -20.31 -23.75
N LYS B 87 25.60 -21.06 -24.84
CA LYS B 87 25.31 -20.49 -26.16
C LYS B 87 23.82 -20.62 -26.41
N LEU B 88 23.06 -19.74 -25.77
CA LEU B 88 21.60 -19.87 -25.70
C LEU B 88 20.91 -18.51 -25.74
N PRO B 89 19.71 -18.46 -26.34
CA PRO B 89 18.94 -17.22 -26.27
C PRO B 89 18.58 -16.89 -24.83
N VAL B 90 18.57 -15.61 -24.49
CA VAL B 90 18.38 -15.18 -23.12
C VAL B 90 16.91 -14.87 -22.79
N VAL B 91 16.44 -15.38 -21.67
CA VAL B 91 15.22 -14.88 -21.04
C VAL B 91 15.59 -14.09 -19.79
N VAL B 92 15.11 -12.86 -19.68
CA VAL B 92 15.41 -12.06 -18.50
C VAL B 92 14.24 -12.09 -17.53
N ALA B 93 14.47 -12.65 -16.34
CA ALA B 93 13.46 -12.68 -15.30
C ALA B 93 13.57 -11.46 -14.39
N ASN B 94 12.45 -11.04 -13.83
CA ASN B 94 12.50 -9.95 -12.87
C ASN B 94 13.19 -10.40 -11.58
N LYS B 95 13.47 -9.44 -10.70
CA LYS B 95 14.27 -9.66 -9.51
C LYS B 95 13.76 -10.82 -8.66
N TYR B 96 12.45 -10.93 -8.53
CA TYR B 96 11.85 -11.93 -7.65
C TYR B 96 11.80 -13.32 -8.29
N ALA B 97 11.40 -13.39 -9.55
CA ALA B 97 11.32 -14.67 -10.24
C ALA B 97 12.71 -15.28 -10.37
N ALA B 98 13.70 -14.44 -10.61
CA ALA B 98 15.07 -14.87 -10.78
C ALA B 98 15.61 -15.57 -9.54
N GLU B 99 15.23 -15.05 -8.36
CA GLU B 99 15.70 -15.62 -7.10
C GLU B 99 15.11 -17.00 -6.86
N SER B 100 13.86 -17.19 -7.26
CA SER B 100 13.20 -18.49 -7.09
C SER B 100 13.71 -19.51 -8.11
N VAL B 101 13.89 -19.06 -9.35
CA VAL B 101 14.50 -19.89 -10.39
C VAL B 101 15.90 -20.31 -9.96
N TYR B 102 16.62 -19.38 -9.34
CA TYR B 102 17.93 -19.64 -8.76
C TYR B 102 17.92 -20.85 -7.80
N GLN B 103 16.76 -21.15 -7.22
CA GLN B 103 16.65 -22.23 -6.26
C GLN B 103 15.79 -23.39 -6.75
N GLY B 104 15.40 -23.37 -8.02
CA GLY B 104 14.73 -24.51 -8.60
C GLY B 104 13.29 -24.30 -9.06
N ALA B 105 12.74 -23.14 -8.78
CA ALA B 105 11.39 -22.83 -9.26
C ALA B 105 11.35 -22.77 -10.77
N MET B 106 10.20 -23.10 -11.34
CA MET B 106 9.95 -22.86 -12.75
C MET B 106 9.82 -21.36 -13.00
N LEU B 107 9.96 -20.93 -14.25
CA LEU B 107 9.72 -19.53 -14.61
C LEU B 107 8.35 -19.34 -15.25
N TYR B 108 7.51 -18.55 -14.60
CA TYR B 108 6.16 -18.29 -15.09
C TYR B 108 6.11 -16.95 -15.79
N ALA B 109 5.11 -16.77 -16.66
CA ALA B 109 5.04 -15.61 -17.53
C ALA B 109 5.15 -14.25 -16.81
N PRO B 110 4.39 -14.02 -15.72
CA PRO B 110 4.57 -12.74 -15.01
C PRO B 110 5.99 -12.49 -14.51
N GLY B 111 6.78 -13.55 -14.42
CA GLY B 111 8.14 -13.44 -13.93
C GLY B 111 9.10 -13.04 -15.04
N VAL B 112 8.56 -12.89 -16.25
CA VAL B 112 9.37 -12.56 -17.40
C VAL B 112 9.38 -11.06 -17.65
N LEU B 113 10.58 -10.48 -17.61
CA LEU B 113 10.79 -9.06 -17.85
C LEU B 113 10.91 -8.77 -19.34
N LYS B 114 11.80 -9.50 -20.01
CA LYS B 114 11.98 -9.42 -21.45
C LYS B 114 12.75 -10.64 -21.93
N ALA B 115 12.82 -10.84 -23.25
CA ALA B 115 13.41 -12.05 -23.79
C ALA B 115 13.92 -11.88 -25.21
N ASP B 116 14.74 -12.84 -25.64
CA ASP B 116 15.24 -12.92 -27.01
C ASP B 116 14.06 -13.24 -27.93
N LYS B 117 13.94 -12.48 -29.01
CA LYS B 117 12.77 -12.58 -29.88
C LYS B 117 12.75 -13.85 -30.74
N ASN B 118 13.88 -14.54 -30.84
CA ASN B 118 13.95 -15.76 -31.63
C ASN B 118 13.41 -16.98 -30.89
N ILE B 119 12.99 -16.78 -29.64
CA ILE B 119 12.61 -17.91 -28.79
C ILE B 119 11.24 -18.47 -29.15
N LYS B 120 11.22 -19.77 -29.44
CA LYS B 120 9.99 -20.51 -29.72
C LYS B 120 9.90 -21.68 -28.74
N GLU B 121 8.67 -22.16 -28.51
CA GLU B 121 8.45 -23.30 -27.62
C GLU B 121 9.39 -24.46 -27.97
N GLY B 122 9.92 -25.12 -26.96
CA GLY B 122 10.86 -26.20 -27.17
C GLY B 122 12.31 -25.76 -27.25
N ASP B 123 12.55 -24.46 -27.44
CA ASP B 123 13.92 -23.97 -27.46
C ASP B 123 14.53 -24.08 -26.07
N GLU B 124 15.80 -24.45 -26.03
CA GLU B 124 16.57 -24.41 -24.81
C GLU B 124 17.00 -22.96 -24.59
N VAL B 125 16.78 -22.45 -23.38
CA VAL B 125 17.06 -21.05 -23.09
C VAL B 125 17.82 -20.89 -21.78
N GLN B 126 18.51 -19.77 -21.64
CA GLN B 126 19.16 -19.42 -20.39
C GLN B 126 18.38 -18.29 -19.71
N ILE B 127 18.34 -18.32 -18.38
CA ILE B 127 17.56 -17.34 -17.64
C ILE B 127 18.48 -16.45 -16.81
N ARG B 128 18.39 -15.15 -17.02
CA ARG B 128 19.21 -14.21 -16.27
C ARG B 128 18.37 -13.21 -15.50
N ASP B 129 18.90 -12.72 -14.39
CA ASP B 129 18.23 -11.70 -13.61
C ASP B 129 18.48 -10.34 -14.28
N PRO B 130 17.83 -9.25 -13.78
CA PRO B 130 17.98 -7.99 -14.53
C PRO B 130 19.41 -7.46 -14.58
N LYS B 131 20.32 -8.03 -13.79
CA LYS B 131 21.70 -7.58 -13.79
C LYS B 131 22.67 -8.57 -14.46
N GLY B 132 22.11 -9.52 -15.20
CA GLY B 132 22.92 -10.42 -16.00
C GLY B 132 23.42 -11.68 -15.28
N LEU B 133 22.98 -11.86 -14.03
CA LEU B 133 23.33 -13.06 -13.28
C LEU B 133 22.61 -14.27 -13.87
N LEU B 134 23.39 -15.27 -14.26
CA LEU B 134 22.81 -16.50 -14.78
C LEU B 134 22.25 -17.32 -13.62
N VAL B 135 20.93 -17.51 -13.61
CA VAL B 135 20.26 -18.14 -12.49
C VAL B 135 19.68 -19.50 -12.82
N GLY B 136 19.66 -19.84 -14.11
CA GLY B 136 19.11 -21.10 -14.53
C GLY B 136 19.08 -21.32 -16.03
N ILE B 137 18.90 -22.57 -16.42
CA ILE B 137 18.80 -22.94 -17.83
C ILE B 137 17.59 -23.86 -17.95
N GLY B 138 16.88 -23.80 -19.08
CA GLY B 138 15.68 -24.60 -19.24
C GLY B 138 15.13 -24.63 -20.64
N ILE B 139 13.88 -25.07 -20.77
CA ILE B 139 13.24 -25.23 -22.07
C ILE B 139 11.98 -24.36 -22.12
N ALA B 140 11.91 -23.48 -23.10
CA ALA B 140 10.76 -22.59 -23.24
C ALA B 140 9.48 -23.36 -23.54
N ARG B 141 8.41 -23.05 -22.83
CA ARG B 141 7.10 -23.64 -23.07
C ARG B 141 6.16 -22.62 -23.68
N MET B 142 6.70 -21.45 -24.00
CA MET B 142 5.98 -20.43 -24.75
C MET B 142 6.87 -19.84 -25.83
N ASP B 143 6.28 -19.35 -26.91
CA ASP B 143 7.01 -18.55 -27.88
C ASP B 143 7.31 -17.20 -27.26
N TYR B 144 8.24 -16.46 -27.85
CA TYR B 144 8.59 -15.12 -27.37
C TYR B 144 7.35 -14.25 -27.14
N LYS B 145 6.47 -14.21 -28.13
CA LYS B 145 5.28 -13.36 -28.07
C LYS B 145 4.40 -13.66 -26.86
N GLU B 146 4.07 -14.93 -26.66
CA GLU B 146 3.19 -15.32 -25.55
C GLU B 146 3.90 -15.13 -24.22
N MET B 147 5.21 -15.35 -24.22
CA MET B 147 6.04 -15.20 -23.03
C MET B 147 6.01 -13.77 -22.48
N THR B 148 6.08 -12.80 -23.39
CA THR B 148 6.10 -11.39 -23.01
C THR B 148 4.71 -10.78 -22.84
N GLU B 149 3.66 -11.56 -23.07
CA GLU B 149 2.30 -11.02 -22.98
C GLU B 149 1.41 -11.73 -21.95
N ALA B 150 1.57 -13.05 -21.82
CA ALA B 150 0.72 -13.83 -20.90
C ALA B 150 0.75 -13.29 -19.48
N THR B 151 -0.37 -13.41 -18.78
CA THR B 151 -0.47 -12.99 -17.38
C THR B 151 -0.32 -14.17 -16.44
N ARG B 152 -0.39 -15.37 -16.99
CA ARG B 152 -0.23 -16.59 -16.22
C ARG B 152 0.38 -17.68 -17.08
N GLY B 153 0.70 -18.82 -16.47
CA GLY B 153 1.18 -19.97 -17.20
C GLY B 153 2.67 -20.21 -17.08
N LEU B 154 3.12 -21.36 -17.58
CA LEU B 154 4.52 -21.74 -17.54
C LEU B 154 5.25 -21.17 -18.75
N ALA B 155 6.35 -20.46 -18.49
CA ALA B 155 7.10 -19.82 -19.57
C ALA B 155 8.35 -20.62 -19.88
N VAL B 156 9.09 -20.99 -18.84
CA VAL B 156 10.25 -21.85 -19.02
C VAL B 156 10.26 -22.96 -17.99
N GLU B 157 10.29 -24.20 -18.46
CA GLU B 157 10.56 -25.33 -17.60
C GLU B 157 12.03 -25.35 -17.23
N VAL B 158 12.34 -25.01 -15.98
CA VAL B 158 13.74 -24.92 -15.56
C VAL B 158 14.27 -26.32 -15.25
N THR B 159 15.07 -26.85 -16.18
CA THR B 159 15.64 -28.18 -16.06
C THR B 159 17.04 -28.16 -15.46
N LEU B 160 17.66 -26.99 -15.46
CA LEU B 160 18.98 -26.86 -14.86
C LEU B 160 19.11 -25.54 -14.09
N PRO B 161 18.50 -25.49 -12.89
CA PRO B 161 18.68 -24.31 -12.03
C PRO B 161 20.09 -24.26 -11.49
N LYS B 162 20.55 -23.09 -11.08
CA LYS B 162 21.87 -22.98 -10.48
C LYS B 162 21.92 -23.83 -9.21
N PHE B 163 20.86 -23.73 -8.40
CA PHE B 163 20.72 -24.56 -7.20
C PHE B 163 19.34 -25.17 -7.13
N LYS B 164 19.21 -26.28 -6.41
CA LYS B 164 17.93 -26.93 -6.27
C LYS B 164 17.55 -27.21 -4.81
N LEU B 165 16.48 -26.56 -4.37
CA LEU B 165 15.84 -26.87 -3.09
C LEU B 165 14.46 -27.44 -3.37
N PRO B 166 13.99 -28.33 -2.50
CA PRO B 166 12.65 -28.89 -2.73
C PRO B 166 11.58 -27.82 -2.64
N SER B 167 10.55 -27.95 -3.48
CA SER B 167 9.39 -27.08 -3.38
C SER B 167 8.36 -27.82 -2.54
N LEU B 168 8.03 -27.24 -1.39
CA LEU B 168 7.20 -27.92 -0.41
C LEU B 168 5.80 -27.34 -0.31
N SER B 169 5.61 -26.17 -0.92
CA SER B 169 4.35 -25.44 -0.77
C SER B 169 3.17 -26.17 -1.41
N GLU B 170 3.43 -26.97 -2.44
CA GLU B 170 2.35 -27.65 -3.13
C GLU B 170 2.05 -29.05 -2.57
N LEU B 171 2.81 -29.48 -1.57
CA LEU B 171 2.61 -30.81 -1.01
C LEU B 171 1.33 -30.91 -0.17
N LYS B 172 0.70 -32.06 -0.19
CA LYS B 172 -0.47 -32.33 0.65
C LYS B 172 -0.10 -32.18 2.11
N ALA B 173 1.10 -32.65 2.47
CA ALA B 173 1.57 -32.55 3.85
C ALA B 173 1.63 -31.10 4.29
N PHE B 174 1.93 -30.20 3.37
CA PHE B 174 1.97 -28.78 3.69
C PHE B 174 0.57 -28.24 3.89
N GLU B 175 -0.34 -28.61 3.00
CA GLU B 175 -1.71 -28.13 3.05
C GLU B 175 -2.42 -28.65 4.31
N LYS B 176 -2.01 -29.83 4.77
CA LYS B 176 -2.61 -30.40 5.97
C LYS B 176 -1.99 -29.85 7.25
N GLY B 177 -1.03 -28.94 7.11
CA GLY B 177 -0.44 -28.29 8.27
C GLY B 177 0.56 -29.16 9.02
N TYR B 178 1.17 -30.10 8.33
CA TYR B 178 2.09 -31.03 8.98
C TYR B 178 3.44 -30.37 9.32
N PHE B 179 3.75 -29.27 8.63
CA PHE B 179 5.04 -28.62 8.86
C PHE B 179 5.05 -27.16 8.43
N TYR B 180 6.10 -26.47 8.84
CA TYR B 180 6.29 -25.05 8.54
C TYR B 180 7.75 -24.81 8.21
N PRO B 181 8.03 -24.41 6.96
CA PRO B 181 9.43 -24.15 6.60
C PRO B 181 10.02 -23.01 7.44
N GLN B 182 11.20 -23.26 8.01
CA GLN B 182 11.78 -22.36 9.00
C GLN B 182 13.25 -22.72 9.24
N GLY B 183 14.12 -21.72 9.27
CA GLY B 183 15.54 -21.97 9.44
C GLY B 183 15.86 -22.52 10.81
N LEU B 184 17.00 -23.22 10.90
CA LEU B 184 17.47 -23.77 12.16
C LEU B 184 17.65 -22.68 13.24
N PRO B 185 18.39 -21.60 12.95
CA PRO B 185 18.53 -20.56 13.99
C PRO B 185 17.19 -20.02 14.51
N SER B 186 16.21 -19.86 13.63
CA SER B 186 14.89 -19.39 14.05
C SER B 186 14.20 -20.38 14.99
N MET B 187 14.37 -21.66 14.72
CA MET B 187 13.82 -22.70 15.60
C MET B 187 14.51 -22.69 16.97
N VAL B 188 15.84 -22.56 16.97
CA VAL B 188 16.60 -22.42 18.20
C VAL B 188 16.09 -21.24 19.04
N THR B 189 15.76 -20.15 18.35
CA THR B 189 15.28 -18.94 19.01
C THR B 189 14.07 -19.21 19.90
N ALA B 190 13.07 -19.89 19.35
CA ALA B 190 11.86 -20.21 20.10
C ALA B 190 12.12 -21.17 21.28
N ARG B 191 13.00 -22.15 21.08
CA ARG B 191 13.37 -23.07 22.14
C ARG B 191 14.03 -22.35 23.31
N VAL B 192 15.02 -21.52 22.98
CA VAL B 192 15.80 -20.81 23.98
C VAL B 192 14.96 -19.88 24.85
N LEU B 193 13.79 -19.50 24.34
CA LEU B 193 12.84 -18.71 25.12
C LEU B 193 12.24 -19.55 26.25
N GLU B 194 12.18 -20.86 26.03
CA GLU B 194 11.62 -21.82 26.99
C GLU B 194 10.23 -21.40 27.49
N PRO B 195 9.27 -21.25 26.57
CA PRO B 195 7.94 -20.81 26.99
C PRO B 195 7.21 -21.83 27.87
N LYS B 196 6.52 -21.35 28.89
CA LYS B 196 5.71 -22.21 29.76
C LYS B 196 4.24 -21.87 29.62
N GLU B 197 3.38 -22.87 29.80
CA GLU B 197 1.92 -22.71 29.71
C GLU B 197 1.41 -21.59 30.63
N ASP B 198 2.11 -21.36 31.73
CA ASP B 198 1.74 -20.34 32.69
C ASP B 198 2.13 -18.93 32.22
N ASP B 199 3.25 -18.84 31.52
CA ASP B 199 3.84 -17.55 31.17
C ASP B 199 2.88 -16.64 30.39
N VAL B 200 2.90 -15.35 30.72
CA VAL B 200 2.36 -14.34 29.83
C VAL B 200 3.39 -14.06 28.75
N ILE B 201 3.00 -14.26 27.50
CA ILE B 201 3.97 -14.30 26.41
C ILE B 201 3.60 -13.35 25.29
N ILE B 202 4.60 -12.59 24.84
CA ILE B 202 4.39 -11.61 23.79
C ILE B 202 5.41 -11.75 22.68
N ASP B 203 4.91 -11.95 21.47
CA ASP B 203 5.70 -11.88 20.26
C ASP B 203 5.37 -10.55 19.61
N MET B 204 6.27 -9.58 19.73
CA MET B 204 5.88 -8.22 19.36
C MET B 204 6.23 -7.87 17.92
N ALA B 205 6.83 -8.81 17.20
CA ALA B 205 7.04 -8.67 15.77
C ALA B 205 6.86 -10.05 15.15
N ALA B 206 5.61 -10.49 15.09
CA ALA B 206 5.33 -11.91 14.99
C ALA B 206 5.06 -12.44 13.59
N ALA B 207 4.59 -11.58 12.68
CA ALA B 207 4.13 -12.06 11.37
C ALA B 207 5.31 -12.38 10.46
N PRO B 208 5.17 -13.39 9.59
CA PRO B 208 3.99 -14.24 9.30
C PRO B 208 3.69 -15.36 10.31
N GLY B 209 4.42 -15.40 11.43
CA GLY B 209 4.06 -16.29 12.52
C GLY B 209 4.90 -17.54 12.67
N GLY B 210 6.09 -17.53 12.08
CA GLY B 210 7.03 -18.63 12.19
C GLY B 210 7.37 -19.03 13.61
N LYS B 211 7.88 -18.08 14.39
CA LYS B 211 8.29 -18.40 15.75
C LYS B 211 7.08 -18.48 16.68
N THR B 212 6.02 -17.73 16.37
CA THR B 212 4.83 -17.72 17.21
C THR B 212 4.17 -19.10 17.26
N THR B 213 4.01 -19.70 16.09
CA THR B 213 3.37 -21.00 16.01
C THR B 213 4.31 -22.06 16.58
N HIS B 214 5.62 -21.81 16.55
CA HIS B 214 6.55 -22.72 17.18
C HIS B 214 6.35 -22.72 18.70
N ILE B 215 6.19 -21.54 19.28
CA ILE B 215 5.85 -21.41 20.69
C ILE B 215 4.56 -22.17 20.97
N ALA B 216 3.61 -22.03 20.05
CA ALA B 216 2.30 -22.67 20.19
C ALA B 216 2.42 -24.18 20.35
N GLN B 217 3.23 -24.82 19.52
CA GLN B 217 3.37 -26.27 19.59
C GLN B 217 4.21 -26.69 20.79
N LEU B 218 5.15 -25.85 21.21
CA LEU B 218 5.92 -26.09 22.42
C LEU B 218 5.00 -26.02 23.65
N LEU B 219 3.99 -25.15 23.57
CA LEU B 219 2.97 -25.07 24.61
C LEU B 219 1.88 -26.13 24.45
N GLU B 220 1.93 -26.86 23.34
CA GLU B 220 0.92 -27.88 23.03
C GLU B 220 -0.47 -27.27 23.02
N ASN B 221 -0.56 -26.06 22.46
CA ASN B 221 -1.82 -25.33 22.29
C ASN B 221 -2.47 -24.95 23.62
N LYS B 222 -1.67 -24.96 24.69
CA LYS B 222 -2.15 -24.48 25.99
C LYS B 222 -1.70 -23.05 26.23
N GLY B 223 -2.24 -22.42 27.26
CA GLY B 223 -1.88 -21.05 27.57
C GLY B 223 -2.39 -20.07 26.53
N GLU B 224 -1.71 -18.94 26.43
CA GLU B 224 -2.07 -17.91 25.45
C GLU B 224 -0.82 -17.18 24.95
N ILE B 225 -0.79 -16.86 23.67
CA ILE B 225 0.32 -16.10 23.09
C ILE B 225 -0.17 -14.82 22.45
N ILE B 226 0.38 -13.69 22.88
CA ILE B 226 0.03 -12.44 22.25
C ILE B 226 1.02 -12.16 21.12
N ALA B 227 0.49 -12.02 19.92
CA ALA B 227 1.32 -11.83 18.74
C ALA B 227 1.00 -10.50 18.07
N ILE B 228 2.01 -9.65 17.99
CA ILE B 228 1.85 -8.28 17.52
C ILE B 228 2.50 -8.07 16.17
N ASP B 229 1.82 -7.39 15.26
CA ASP B 229 2.47 -6.88 14.05
C ASP B 229 1.74 -5.64 13.54
N LYS B 230 2.50 -4.75 12.90
CA LYS B 230 1.94 -3.51 12.37
C LYS B 230 1.25 -3.74 11.03
N SER B 231 1.78 -4.68 10.25
CA SER B 231 1.29 -4.93 8.90
C SER B 231 0.04 -5.82 8.90
N LYS B 232 -1.06 -5.31 8.32
CA LYS B 232 -2.30 -6.06 8.27
C LYS B 232 -2.22 -7.20 7.25
N ASN B 233 -1.50 -6.96 6.16
CA ASN B 233 -1.36 -7.97 5.13
C ASN B 233 -0.57 -9.18 5.63
N ARG B 234 0.53 -8.91 6.32
CA ARG B 234 1.34 -9.96 6.91
C ARG B 234 0.61 -10.66 8.06
N LEU B 235 -0.20 -9.93 8.80
CA LEU B 235 -1.07 -10.53 9.82
C LEU B 235 -2.14 -11.41 9.17
N ARG B 236 -2.59 -11.02 7.99
CA ARG B 236 -3.59 -11.80 7.26
C ARG B 236 -2.98 -13.15 6.86
N LYS B 237 -1.71 -13.13 6.46
CA LYS B 237 -1.00 -14.36 6.13
C LYS B 237 -0.80 -15.22 7.38
N MET B 238 -0.61 -14.56 8.52
CA MET B 238 -0.44 -15.25 9.79
C MET B 238 -1.74 -15.93 10.22
N GLU B 239 -2.89 -15.32 9.93
CA GLU B 239 -4.18 -15.94 10.22
C GLU B 239 -4.30 -17.27 9.48
N GLU B 240 -3.89 -17.27 8.22
CA GLU B 240 -3.94 -18.47 7.39
C GLU B 240 -2.97 -19.55 7.90
N ASN B 241 -1.76 -19.12 8.30
CA ASN B 241 -0.79 -20.06 8.86
C ASN B 241 -1.28 -20.68 10.15
N ILE B 242 -1.94 -19.88 10.97
CA ILE B 242 -2.49 -20.37 12.24
C ILE B 242 -3.56 -21.43 11.99
N LYS B 243 -4.47 -21.14 11.06
CA LYS B 243 -5.56 -22.06 10.75
C LYS B 243 -5.00 -23.35 10.15
N ARG B 244 -4.03 -23.23 9.26
CA ARG B 244 -3.46 -24.39 8.58
C ARG B 244 -2.71 -25.31 9.55
N LEU B 245 -1.98 -24.71 10.48
CA LEU B 245 -1.19 -25.47 11.45
C LEU B 245 -2.03 -25.99 12.61
N GLY B 246 -3.27 -25.55 12.70
CA GLY B 246 -4.15 -25.96 13.79
C GLY B 246 -3.81 -25.30 15.10
N VAL B 247 -3.27 -24.09 15.03
CA VAL B 247 -2.88 -23.34 16.23
C VAL B 247 -4.11 -22.66 16.83
N LYS B 248 -4.37 -22.93 18.11
CA LYS B 248 -5.51 -22.35 18.80
C LYS B 248 -5.03 -21.53 20.00
N ASN B 249 -3.78 -21.11 19.95
CA ASN B 249 -3.06 -20.65 21.12
C ASN B 249 -2.87 -19.13 21.12
N VAL B 250 -3.11 -18.54 19.96
CA VAL B 250 -2.60 -17.20 19.66
C VAL B 250 -3.68 -16.14 19.55
N LYS B 251 -3.43 -15.00 20.20
CA LYS B 251 -4.27 -13.81 20.07
C LYS B 251 -3.54 -12.76 19.23
N LEU B 252 -4.07 -12.48 18.05
CA LEU B 252 -3.50 -11.46 17.16
C LEU B 252 -3.93 -10.06 17.53
N VAL B 253 -2.95 -9.15 17.58
CA VAL B 253 -3.22 -7.74 17.76
C VAL B 253 -2.39 -6.92 16.78
N GLN B 254 -3.08 -6.08 16.02
CA GLN B 254 -2.41 -5.15 15.12
C GLN B 254 -2.11 -3.84 15.85
N MET B 255 -0.86 -3.37 15.75
CA MET B 255 -0.39 -2.16 16.42
C MET B 255 1.10 -1.96 16.19
N ASP B 256 1.55 -0.72 16.38
CA ASP B 256 2.98 -0.39 16.43
C ASP B 256 3.52 -0.90 17.77
N ALA B 257 4.38 -1.91 17.71
CA ALA B 257 4.88 -2.56 18.93
C ALA B 257 5.74 -1.63 19.79
N ARG B 258 6.17 -0.52 19.21
CA ARG B 258 6.95 0.46 19.98
C ARG B 258 6.08 1.15 21.03
N LYS B 259 4.76 1.06 20.85
CA LYS B 259 3.82 1.56 21.84
C LYS B 259 3.27 0.47 22.73
N LEU B 260 3.92 -0.69 22.72
CA LEU B 260 3.49 -1.80 23.58
C LEU B 260 3.19 -1.36 25.03
N PRO B 261 4.05 -0.51 25.62
CA PRO B 261 3.74 -0.08 26.99
C PRO B 261 2.45 0.74 27.11
N ASP B 262 1.83 1.14 26.01
CA ASP B 262 0.53 1.80 26.10
C ASP B 262 -0.54 0.83 26.61
N LEU B 263 -0.34 -0.46 26.36
CA LEU B 263 -1.11 -1.48 27.05
C LEU B 263 -0.46 -1.59 28.42
N GLY B 264 -1.09 -2.28 29.36
CA GLY B 264 -0.52 -2.30 30.69
C GLY B 264 0.14 -3.60 31.03
N ILE B 265 0.55 -4.34 30.01
CA ILE B 265 0.94 -5.72 30.20
C ILE B 265 2.36 -5.80 30.73
N LYS B 266 2.53 -6.64 31.74
CA LYS B 266 3.83 -7.02 32.21
C LYS B 266 4.01 -8.51 31.95
N ALA B 267 4.77 -8.84 30.92
CA ALA B 267 4.93 -10.22 30.47
C ALA B 267 6.03 -10.97 31.21
N ASP B 268 5.91 -12.29 31.28
CA ASP B 268 6.97 -13.12 31.81
C ASP B 268 8.00 -13.41 30.73
N LYS B 269 7.53 -13.48 29.48
CA LYS B 269 8.39 -13.81 28.36
C LYS B 269 8.06 -12.92 27.18
N ILE B 270 9.08 -12.28 26.61
CA ILE B 270 8.89 -11.53 25.39
C ILE B 270 9.86 -11.98 24.32
N LEU B 271 9.34 -12.34 23.16
CA LEU B 271 10.18 -12.60 22.00
C LEU B 271 10.20 -11.36 21.11
N LEU B 272 11.41 -10.85 20.85
CA LEU B 272 11.56 -9.73 19.93
C LEU B 272 12.43 -10.18 18.76
N ASP B 273 11.77 -10.69 17.74
CA ASP B 273 12.45 -11.04 16.50
C ASP B 273 12.34 -9.86 15.54
N ALA B 274 13.29 -8.94 15.70
CA ALA B 274 13.14 -7.57 15.25
C ALA B 274 13.35 -7.36 13.76
N PRO B 275 12.60 -6.40 13.18
CA PRO B 275 12.91 -5.93 11.83
C PRO B 275 14.37 -5.49 11.78
N CYS B 276 15.06 -5.83 10.70
CA CYS B 276 16.49 -5.61 10.63
C CYS B 276 16.94 -5.45 9.18
N THR B 277 18.20 -5.10 9.01
CA THR B 277 18.76 -4.89 7.67
C THR B 277 18.81 -6.20 6.86
N ALA B 278 18.60 -7.33 7.53
CA ALA B 278 18.51 -8.63 6.88
C ALA B 278 19.77 -8.99 6.10
N LEU B 279 20.92 -8.54 6.59
CA LEU B 279 22.19 -8.80 5.91
C LEU B 279 22.53 -10.29 5.83
N GLY B 280 21.87 -11.10 6.66
CA GLY B 280 22.19 -12.51 6.77
C GLY B 280 21.31 -13.44 5.95
N VAL B 281 20.29 -12.91 5.28
CA VAL B 281 19.33 -13.77 4.61
C VAL B 281 19.95 -14.35 3.34
N ARG B 282 19.50 -15.56 3.00
CA ARG B 282 20.03 -16.26 1.84
C ARG B 282 18.89 -16.75 0.96
N PRO B 283 19.11 -16.78 -0.36
CA PRO B 283 20.33 -16.34 -1.04
C PRO B 283 20.37 -14.83 -1.19
N LYS B 284 21.58 -14.25 -1.26
CA LYS B 284 21.72 -12.82 -1.45
C LYS B 284 22.28 -12.51 -2.83
N LEU B 285 21.39 -12.35 -3.81
CA LEU B 285 21.84 -12.09 -5.17
C LEU B 285 22.51 -10.73 -5.26
N TRP B 286 21.84 -9.71 -4.75
CA TRP B 286 22.45 -8.38 -4.68
C TRP B 286 22.05 -7.68 -3.39
N GLU B 287 23.04 -7.36 -2.57
CA GLU B 287 22.77 -6.64 -1.33
C GLU B 287 22.54 -5.17 -1.61
N GLU B 288 21.37 -4.66 -1.21
CA GLU B 288 21.01 -3.27 -1.48
C GLU B 288 21.23 -2.40 -0.26
N ARG B 289 21.06 -2.98 0.92
CA ARG B 289 21.21 -2.24 2.16
C ARG B 289 22.67 -2.07 2.54
N THR B 290 22.97 -0.96 3.21
CA THR B 290 24.34 -0.61 3.56
C THR B 290 24.43 0.12 4.91
N LEU B 291 25.56 0.79 5.14
CA LEU B 291 25.88 1.35 6.46
C LEU B 291 24.83 2.32 7.00
N LYS B 292 24.36 3.22 6.15
CA LYS B 292 23.33 4.17 6.57
C LYS B 292 22.11 3.42 7.10
N HIS B 293 21.82 2.27 6.50
CA HIS B 293 20.68 1.45 6.91
C HIS B 293 20.94 0.76 8.24
N ILE B 294 22.19 0.35 8.47
CA ILE B 294 22.55 -0.32 9.71
C ILE B 294 22.34 0.61 10.90
N GLU B 295 22.85 1.83 10.79
CA GLU B 295 22.70 2.81 11.87
C GLU B 295 21.24 3.17 12.10
N ALA B 296 20.52 3.48 11.04
CA ALA B 296 19.11 3.86 11.16
C ALA B 296 18.27 2.73 11.74
N THR B 297 18.46 1.51 11.26
CA THR B 297 17.67 0.38 11.72
C THR B 297 18.01 0.03 13.16
N ALA B 298 19.29 0.09 13.51
CA ALA B 298 19.73 -0.20 14.87
C ALA B 298 19.06 0.75 15.85
N ARG B 299 18.96 2.02 15.45
CA ARG B 299 18.31 3.01 16.28
C ARG B 299 16.80 2.71 16.37
N TYR B 300 16.24 2.19 15.28
CA TYR B 300 14.81 1.90 15.21
C TYR B 300 14.45 0.70 16.09
N GLN B 301 15.39 -0.22 16.23
CA GLN B 301 15.19 -1.41 17.03
C GLN B 301 15.19 -1.09 18.53
N ARG B 302 15.96 -0.08 18.92
CA ARG B 302 16.05 0.35 20.31
C ARG B 302 14.66 0.68 20.87
N ALA B 303 13.85 1.33 20.06
CA ALA B 303 12.48 1.66 20.44
C ALA B 303 11.68 0.39 20.81
N PHE B 304 11.78 -0.66 20.00
CA PHE B 304 11.16 -1.95 20.32
C PHE B 304 11.69 -2.51 21.62
N ILE B 305 13.01 -2.50 21.74
CA ILE B 305 13.70 -3.05 22.89
C ILE B 305 13.25 -2.38 24.19
N TRP B 306 13.32 -1.04 24.21
CA TRP B 306 12.90 -0.25 25.36
C TRP B 306 11.43 -0.53 25.70
N ALA B 307 10.61 -0.61 24.66
CA ALA B 307 9.20 -0.94 24.83
C ALA B 307 9.03 -2.30 25.50
N ALA B 308 9.85 -3.27 25.10
CA ALA B 308 9.81 -4.61 25.67
C ALA B 308 10.27 -4.62 27.13
N ILE B 309 11.39 -3.97 27.40
CA ILE B 309 11.96 -3.89 28.74
C ILE B 309 10.95 -3.33 29.73
N LYS B 310 10.27 -2.25 29.33
CA LYS B 310 9.23 -1.66 30.18
C LYS B 310 8.02 -2.58 30.35
N SER B 311 7.77 -3.43 29.35
CA SER B 311 6.64 -4.36 29.40
C SER B 311 7.00 -5.71 30.04
N LEU B 312 8.25 -5.86 30.50
CA LEU B 312 8.66 -7.07 31.20
C LEU B 312 8.49 -6.97 32.70
N ARG B 313 7.99 -8.03 33.32
CA ARG B 313 8.03 -8.15 34.78
C ARG B 313 9.48 -8.31 35.20
N ARG B 314 9.82 -7.85 36.40
CA ARG B 314 11.14 -8.14 36.95
C ARG B 314 11.31 -9.66 37.03
N GLY B 315 12.51 -10.14 36.74
CA GLY B 315 12.73 -11.57 36.62
C GLY B 315 12.24 -12.18 35.31
N GLY B 316 11.65 -11.36 34.46
CA GLY B 316 11.14 -11.81 33.17
C GLY B 316 12.25 -11.97 32.14
N VAL B 317 11.92 -12.63 31.04
CA VAL B 317 12.92 -12.94 30.01
C VAL B 317 12.60 -12.33 28.66
N LEU B 318 13.61 -11.72 28.05
CA LEU B 318 13.51 -11.23 26.69
C LEU B 318 14.44 -12.02 25.80
N VAL B 319 13.92 -12.51 24.68
CA VAL B 319 14.77 -13.09 23.64
C VAL B 319 14.75 -12.15 22.45
N TYR B 320 15.93 -11.62 22.12
CA TYR B 320 16.09 -10.73 20.99
C TYR B 320 16.80 -11.45 19.84
N SER B 321 16.21 -11.40 18.64
CA SER B 321 16.84 -12.07 17.50
C SER B 321 16.72 -11.25 16.22
N THR B 322 17.73 -11.38 15.36
CA THR B 322 17.74 -10.78 14.03
C THR B 322 18.33 -11.74 13.01
N CYS B 323 17.99 -11.53 11.75
CA CYS B 323 18.65 -12.21 10.64
C CYS B 323 19.66 -11.30 9.95
N THR B 324 20.47 -10.61 10.75
CA THR B 324 21.47 -9.69 10.22
C THR B 324 22.83 -9.89 10.89
N LEU B 325 23.88 -9.44 10.21
CA LEU B 325 25.26 -9.66 10.65
C LEU B 325 25.87 -8.47 11.39
N SER B 326 25.25 -7.31 11.28
CA SER B 326 25.85 -6.07 11.78
C SER B 326 26.07 -6.11 13.28
N TYR B 327 27.12 -5.43 13.73
CA TYR B 327 27.40 -5.29 15.16
C TYR B 327 26.37 -4.41 15.86
N GLU B 328 26.06 -3.27 15.24
CA GLU B 328 25.19 -2.27 15.84
C GLU B 328 23.79 -2.81 16.18
N GLU B 329 23.22 -3.61 15.28
CA GLU B 329 21.88 -4.15 15.50
C GLU B 329 21.89 -5.33 16.48
N ASN B 330 23.07 -5.87 16.76
CA ASN B 330 23.16 -7.09 17.54
C ASN B 330 23.84 -6.86 18.90
N GLU B 331 25.14 -7.08 18.98
CA GLU B 331 25.86 -6.89 20.24
C GLU B 331 25.72 -5.47 20.77
N GLY B 332 25.69 -4.51 19.84
CA GLY B 332 25.60 -3.11 20.22
C GLY B 332 24.27 -2.81 20.88
N ASN B 333 23.20 -3.38 20.34
CA ASN B 333 21.88 -3.18 20.91
C ASN B 333 21.63 -4.01 22.16
N VAL B 334 22.45 -5.03 22.39
CA VAL B 334 22.36 -5.76 23.65
C VAL B 334 23.03 -4.99 24.79
N LYS B 335 24.17 -4.34 24.50
CA LYS B 335 24.81 -3.45 25.47
C LYS B 335 23.83 -2.38 25.93
N PHE B 336 23.07 -1.84 24.99
CA PHE B 336 21.94 -0.97 25.32
C PHE B 336 21.06 -1.59 26.40
N MET B 337 20.67 -2.85 26.20
CA MET B 337 19.79 -3.54 27.15
C MET B 337 20.46 -3.74 28.51
N ILE B 338 21.76 -4.00 28.50
CA ILE B 338 22.52 -4.17 29.73
C ILE B 338 22.54 -2.88 30.53
N ARG B 339 22.57 -1.74 29.84
CA ARG B 339 22.51 -0.45 30.52
C ARG B 339 21.12 -0.14 31.03
N LYS B 340 20.12 -0.89 30.56
CA LYS B 340 18.74 -0.64 30.96
C LYS B 340 18.18 -1.68 31.94
N GLY B 341 19.05 -2.37 32.67
CA GLY B 341 18.60 -3.28 33.70
C GLY B 341 18.35 -4.71 33.26
N MET B 342 18.95 -5.10 32.15
CA MET B 342 18.83 -6.48 31.68
C MET B 342 20.15 -7.23 31.88
N LYS B 343 20.07 -8.54 32.13
CA LYS B 343 21.26 -9.36 32.37
C LYS B 343 21.32 -10.54 31.41
N LEU B 344 22.50 -10.77 30.86
CA LEU B 344 22.71 -11.89 29.95
C LEU B 344 22.55 -13.23 30.66
N GLU B 345 21.88 -14.15 29.99
CA GLU B 345 21.69 -15.50 30.50
C GLU B 345 22.09 -16.55 29.48
N GLU B 346 22.65 -17.65 29.99
CA GLU B 346 22.99 -18.81 29.17
C GLU B 346 21.76 -19.31 28.43
N GLN B 347 21.91 -19.57 27.14
CA GLN B 347 20.83 -20.13 26.33
C GLN B 347 20.84 -21.65 26.41
N SER B 348 19.65 -22.25 26.38
CA SER B 348 19.52 -23.69 26.63
C SER B 348 20.14 -24.52 25.51
N ILE B 349 20.11 -23.98 24.28
CA ILE B 349 20.74 -24.63 23.15
C ILE B 349 21.78 -23.70 22.53
N PHE B 350 23.03 -24.15 22.48
CA PHE B 350 24.08 -23.35 21.86
C PHE B 350 24.85 -24.20 20.85
N ILE B 351 24.56 -24.01 19.57
CA ILE B 351 25.25 -24.75 18.52
C ILE B 351 25.87 -23.85 17.46
N GLY B 352 25.68 -22.54 17.63
CA GLY B 352 26.27 -21.57 16.73
C GLY B 352 27.63 -21.11 17.21
N SER B 353 27.90 -19.82 17.02
CA SER B 353 29.17 -19.22 17.46
C SER B 353 28.97 -18.20 18.59
N PRO B 354 30.05 -17.91 19.34
CA PRO B 354 29.97 -16.79 20.30
C PRO B 354 29.78 -15.46 19.58
N GLY B 355 29.27 -14.46 20.27
CA GLY B 355 29.12 -13.15 19.67
C GLY B 355 30.44 -12.40 19.57
N ILE B 356 30.43 -11.23 18.95
CA ILE B 356 31.63 -10.42 18.81
C ILE B 356 32.00 -9.76 20.12
N GLY B 357 33.07 -10.24 20.75
CA GLY B 357 33.53 -9.66 22.00
C GLY B 357 32.46 -9.75 23.06
N MET B 358 31.73 -10.85 23.07
CA MET B 358 30.56 -10.96 23.95
C MET B 358 30.15 -12.41 24.12
N ASN B 359 29.90 -12.82 25.35
CA ASN B 359 30.01 -14.23 25.72
C ASN B 359 28.76 -15.10 25.60
N LYS B 360 27.60 -14.61 26.03
CA LYS B 360 26.47 -15.52 26.13
C LYS B 360 25.47 -15.42 24.96
N VAL B 361 25.70 -14.48 24.05
CA VAL B 361 24.84 -14.37 22.86
C VAL B 361 25.32 -15.36 21.81
N GLN B 362 24.45 -15.71 20.88
CA GLN B 362 24.72 -16.77 19.92
C GLN B 362 24.63 -16.26 18.48
N ARG B 363 25.70 -16.42 17.72
CA ARG B 363 25.67 -16.03 16.31
C ARG B 363 25.69 -17.23 15.37
N PHE B 364 25.03 -17.09 14.24
CA PHE B 364 25.11 -18.10 13.19
C PHE B 364 25.73 -17.51 11.93
N TYR B 365 26.63 -18.27 11.31
CA TYR B 365 27.31 -17.86 10.10
C TYR B 365 27.08 -18.88 9.00
N PRO B 366 26.91 -18.41 7.75
CA PRO B 366 26.62 -19.29 6.62
C PRO B 366 27.75 -20.26 6.31
N HIS B 367 28.99 -19.81 6.47
CA HIS B 367 30.15 -20.65 6.16
C HIS B 367 30.43 -21.65 7.28
N LYS B 368 30.00 -21.34 8.49
CA LYS B 368 30.25 -22.23 9.63
C LYS B 368 29.09 -23.17 9.91
N HIS B 369 27.86 -22.69 9.78
CA HIS B 369 26.72 -23.46 10.25
C HIS B 369 25.71 -23.81 9.15
N LEU B 370 25.97 -23.36 7.93
CA LEU B 370 25.16 -23.75 6.78
C LEU B 370 23.78 -23.12 6.86
N THR B 371 23.68 -22.02 7.60
CA THR B 371 22.41 -21.35 7.84
C THR B 371 22.45 -19.93 7.29
N GLN B 372 21.35 -19.21 7.45
CA GLN B 372 21.38 -17.77 7.26
C GLN B 372 22.20 -17.13 8.37
N GLY B 373 22.71 -15.94 8.12
CA GLY B 373 23.36 -15.17 9.16
C GLY B 373 22.31 -14.83 10.21
N PHE B 374 22.66 -14.99 11.48
CA PHE B 374 21.65 -14.86 12.53
C PHE B 374 22.26 -14.49 13.86
N PHE B 375 21.42 -14.00 14.75
CA PHE B 375 21.85 -13.52 16.06
C PHE B 375 20.74 -13.76 17.06
N ILE B 376 21.11 -14.28 18.24
CA ILE B 376 20.15 -14.56 19.29
C ILE B 376 20.69 -14.10 20.64
N ALA B 377 19.92 -13.27 21.33
CA ALA B 377 20.30 -12.84 22.66
C ALA B 377 19.18 -13.18 23.64
N LYS B 378 19.55 -13.73 24.79
CA LYS B 378 18.57 -14.02 25.83
C LYS B 378 18.91 -13.25 27.10
N LEU B 379 17.96 -12.45 27.56
CA LEU B 379 18.19 -11.58 28.71
C LEU B 379 17.16 -11.74 29.82
N ARG B 380 17.62 -11.50 31.03
CA ARG B 380 16.79 -11.53 32.22
C ARG B 380 16.73 -10.14 32.83
N LYS B 381 15.52 -9.63 33.07
CA LYS B 381 15.33 -8.30 33.61
C LYS B 381 15.53 -8.29 35.13
N VAL B 382 16.68 -7.80 35.56
CA VAL B 382 17.03 -7.84 36.99
C VAL B 382 16.43 -6.68 37.78
N LYS B 383 16.16 -5.55 37.13
CA LYS B 383 15.53 -4.41 37.80
C LYS B 383 14.92 -3.44 36.79
N ASP B 384 14.16 -2.47 37.29
CA ASP B 384 13.52 -1.48 36.44
C ASP B 384 14.43 -0.28 36.18
#